data_1AFZ
# 
_entry.id   1AFZ 
# 
_audit_conform.dict_name       mmcif_pdbx.dic 
_audit_conform.dict_version    5.392 
_audit_conform.dict_location   http://mmcif.pdb.org/dictionaries/ascii/mmcif_pdbx.dic 
# 
loop_
_database_2.database_id 
_database_2.database_code 
_database_2.pdbx_database_accession 
_database_2.pdbx_DOI 
PDB   1AFZ         pdb_00001afz 10.2210/pdb1afz/pdb 
WWPDB D_1000170768 ?            ?                   
# 
loop_
_pdbx_audit_revision_history.ordinal 
_pdbx_audit_revision_history.data_content_type 
_pdbx_audit_revision_history.major_revision 
_pdbx_audit_revision_history.minor_revision 
_pdbx_audit_revision_history.revision_date 
1 'Structure model' 1 0 1997-08-20 
2 'Structure model' 1 1 2008-03-24 
3 'Structure model' 1 2 2011-07-13 
4 'Structure model' 1 3 2022-02-16 
5 'Structure model' 1 4 2024-05-22 
# 
_pdbx_audit_revision_details.ordinal             1 
_pdbx_audit_revision_details.revision_ordinal    1 
_pdbx_audit_revision_details.data_content_type   'Structure model' 
_pdbx_audit_revision_details.provider            repository 
_pdbx_audit_revision_details.type                'Initial release' 
_pdbx_audit_revision_details.description         ? 
_pdbx_audit_revision_details.details             ? 
# 
loop_
_pdbx_audit_revision_group.ordinal 
_pdbx_audit_revision_group.revision_ordinal 
_pdbx_audit_revision_group.data_content_type 
_pdbx_audit_revision_group.group 
1 2 'Structure model' 'Version format compliance' 
2 3 'Structure model' 'Version format compliance' 
3 4 'Structure model' 'Data collection'           
4 4 'Structure model' 'Database references'       
5 4 'Structure model' 'Derived calculations'      
6 4 'Structure model' Other                       
7 5 'Structure model' 'Data collection'           
# 
loop_
_pdbx_audit_revision_category.ordinal 
_pdbx_audit_revision_category.revision_ordinal 
_pdbx_audit_revision_category.data_content_type 
_pdbx_audit_revision_category.category 
1 4 'Structure model' database_2            
2 4 'Structure model' pdbx_database_status  
3 4 'Structure model' pdbx_nmr_software     
4 4 'Structure model' pdbx_struct_assembly  
5 4 'Structure model' pdbx_struct_oper_list 
6 5 'Structure model' chem_comp_atom        
7 5 'Structure model' chem_comp_bond        
# 
loop_
_pdbx_audit_revision_item.ordinal 
_pdbx_audit_revision_item.revision_ordinal 
_pdbx_audit_revision_item.data_content_type 
_pdbx_audit_revision_item.item 
1 4 'Structure model' '_database_2.pdbx_DOI'                
2 4 'Structure model' '_database_2.pdbx_database_accession' 
3 4 'Structure model' '_pdbx_database_status.process_site'  
4 4 'Structure model' '_pdbx_nmr_software.name'             
# 
_pdbx_database_status.status_code                     REL 
_pdbx_database_status.entry_id                        1AFZ 
_pdbx_database_status.recvd_initial_deposition_date   1997-03-18 
_pdbx_database_status.deposit_site                    ? 
_pdbx_database_status.process_site                    BNL 
_pdbx_database_status.SG_entry                        . 
_pdbx_database_status.pdb_format_compatible           Y 
_pdbx_database_status.status_code_mr                  ? 
_pdbx_database_status.status_code_sf                  ? 
_pdbx_database_status.status_code_cs                  ? 
_pdbx_database_status.status_code_nmr_data            ? 
_pdbx_database_status.methods_development_category    ? 
# 
_pdbx_database_related.db_name        PDB 
_pdbx_database_related.db_id          1AF1 
_pdbx_database_related.details        'MINIMIZED AVERAGE STRUCTURE' 
_pdbx_database_related.content_type   unspecified 
# 
loop_
_audit_author.name 
_audit_author.pdbx_ordinal 
'Zegar, I.S.' 1 
'Stone, M.P.' 2 
# 
_citation.id                        primary 
_citation.title                     
;Solution structure of an oligodeoxynucleotide containing the human N-ras codon 12 sequence refined from 1H NMR using molecular dynamics restrained by nuclear Overhauser effects.
;
_citation.journal_abbrev            Chem.Res.Toxicol. 
_citation.journal_volume            9 
_citation.page_first                114 
_citation.page_last                 125 
_citation.year                      1996 
_citation.journal_id_ASTM           CRTOEC 
_citation.country                   US 
_citation.journal_id_ISSN           0893-228X 
_citation.journal_id_CSD            2140 
_citation.book_publisher            ? 
_citation.pdbx_database_id_PubMed   8924579 
_citation.pdbx_database_id_DOI      10.1021/tx9500787 
# 
loop_
_citation_author.citation_id 
_citation_author.name 
_citation_author.ordinal 
_citation_author.identifier_ORCID 
primary 'Zegar, I.S.' 1 ? 
primary 'Stone, M.P.' 2 ? 
# 
loop_
_entity.id 
_entity.type 
_entity.src_method 
_entity.pdbx_description 
_entity.formula_weight 
_entity.pdbx_number_of_molecules 
_entity.pdbx_ec 
_entity.pdbx_mutation 
_entity.pdbx_fragment 
_entity.details 
1 polymer syn 
;DNA (5'-D(*GP*GP*CP*AP*GP*GP*TP*GP*GP*TP*G)-3')
;
3470.257 1 ? ? ? ? 
2 polymer syn 
;DNA (5'-D(*CP*AP*CP*CP*AP*CP*CP*TP*GP*CP*C)-3')
;
3239.127 1 ? ? ? ? 
# 
loop_
_entity_poly.entity_id 
_entity_poly.type 
_entity_poly.nstd_linkage 
_entity_poly.nstd_monomer 
_entity_poly.pdbx_seq_one_letter_code 
_entity_poly.pdbx_seq_one_letter_code_can 
_entity_poly.pdbx_strand_id 
_entity_poly.pdbx_target_identifier 
1 polydeoxyribonucleotide no no '(DG)(DG)(DC)(DA)(DG)(DG)(DT)(DG)(DG)(DT)(DG)' GGCAGGTGGTG A ? 
2 polydeoxyribonucleotide no no '(DC)(DA)(DC)(DC)(DA)(DC)(DC)(DT)(DG)(DC)(DC)' CACCACCTGCC B ? 
# 
loop_
_entity_poly_seq.entity_id 
_entity_poly_seq.num 
_entity_poly_seq.mon_id 
_entity_poly_seq.hetero 
1 1  DG n 
1 2  DG n 
1 3  DC n 
1 4  DA n 
1 5  DG n 
1 6  DG n 
1 7  DT n 
1 8  DG n 
1 9  DG n 
1 10 DT n 
1 11 DG n 
2 1  DC n 
2 2  DA n 
2 3  DC n 
2 4  DC n 
2 5  DA n 
2 6  DC n 
2 7  DC n 
2 8  DT n 
2 9  DG n 
2 10 DC n 
2 11 DC n 
# 
loop_
_chem_comp.id 
_chem_comp.type 
_chem_comp.mon_nstd_flag 
_chem_comp.name 
_chem_comp.pdbx_synonyms 
_chem_comp.formula 
_chem_comp.formula_weight 
DA 'DNA linking' y "2'-DEOXYADENOSINE-5'-MONOPHOSPHATE" ? 'C10 H14 N5 O6 P' 331.222 
DC 'DNA linking' y "2'-DEOXYCYTIDINE-5'-MONOPHOSPHATE"  ? 'C9 H14 N3 O7 P'  307.197 
DG 'DNA linking' y "2'-DEOXYGUANOSINE-5'-MONOPHOSPHATE" ? 'C10 H14 N5 O7 P' 347.221 
DT 'DNA linking' y "THYMIDINE-5'-MONOPHOSPHATE"         ? 'C10 H15 N2 O8 P' 322.208 
# 
loop_
_pdbx_poly_seq_scheme.asym_id 
_pdbx_poly_seq_scheme.entity_id 
_pdbx_poly_seq_scheme.seq_id 
_pdbx_poly_seq_scheme.mon_id 
_pdbx_poly_seq_scheme.ndb_seq_num 
_pdbx_poly_seq_scheme.pdb_seq_num 
_pdbx_poly_seq_scheme.auth_seq_num 
_pdbx_poly_seq_scheme.pdb_mon_id 
_pdbx_poly_seq_scheme.auth_mon_id 
_pdbx_poly_seq_scheme.pdb_strand_id 
_pdbx_poly_seq_scheme.pdb_ins_code 
_pdbx_poly_seq_scheme.hetero 
A 1 1  DG 1  1  1  DG G A . n 
A 1 2  DG 2  2  2  DG G A . n 
A 1 3  DC 3  3  3  DC C A . n 
A 1 4  DA 4  4  4  DA A A . n 
A 1 5  DG 5  5  5  DG G A . n 
A 1 6  DG 6  6  6  DG G A . n 
A 1 7  DT 7  7  7  DT T A . n 
A 1 8  DG 8  8  8  DG G A . n 
A 1 9  DG 9  9  9  DG G A . n 
A 1 10 DT 10 10 10 DT T A . n 
A 1 11 DG 11 11 11 DG G A . n 
B 2 1  DC 1  12 12 DC C B . n 
B 2 2  DA 2  13 13 DA A B . n 
B 2 3  DC 3  14 14 DC C B . n 
B 2 4  DC 4  15 15 DC C B . n 
B 2 5  DA 5  16 16 DA A B . n 
B 2 6  DC 6  17 17 DC C B . n 
B 2 7  DC 7  18 18 DC C B . n 
B 2 8  DT 8  19 19 DT T B . n 
B 2 9  DG 9  20 20 DG G B . n 
B 2 10 DC 10 21 21 DC C B . n 
B 2 11 DC 11 22 22 DC C B . n 
# 
loop_
_software.name 
_software.classification 
_software.version 
_software.citation_id 
_software.pdbx_ordinal 
X-PLOR 'model building' 3.1 ? 1 
X-PLOR refinement       3.1 ? 2 
X-PLOR phasing          3.1 ? 3 
# 
_cell.entry_id           1AFZ 
_cell.length_a           1.000 
_cell.length_b           1.000 
_cell.length_c           1.000 
_cell.angle_alpha        90.00 
_cell.angle_beta         90.00 
_cell.angle_gamma        90.00 
_cell.Z_PDB              1 
_cell.pdbx_unique_axis   ? 
# 
_symmetry.entry_id                         1AFZ 
_symmetry.space_group_name_H-M             'P 1' 
_symmetry.pdbx_full_space_group_name_H-M   ? 
_symmetry.cell_setting                     ? 
_symmetry.Int_Tables_number                1 
# 
_exptl.entry_id          1AFZ 
_exptl.method            'SOLUTION NMR' 
_exptl.crystals_number   ? 
# 
_struct.entry_id                  1AFZ 
_struct.title                     
;SOLUTION NMR STRUCTURE OF AN 11 BASE-PAIR OLIGONUCLEOTIDE FROM THE HUMAN N-RAS PROTOONCOGENE ENCODING FOR AMINO ACIDS 11-13 OF P21, MINIMIZED AVERAGE STRUCTURE
;
_struct.pdbx_model_details        ? 
_struct.pdbx_CASP_flag            ? 
_struct.pdbx_model_type_details   ? 
# 
_struct_keywords.entry_id        1AFZ 
_struct_keywords.pdbx_keywords   DNA 
_struct_keywords.text            'DNA DUPLEX, HUMAN N-RAS GENE, CODON 12 SEQUENCE, DEOXYRIBONUCLEIC ACID, DNA' 
# 
loop_
_struct_asym.id 
_struct_asym.pdbx_blank_PDB_chainid_flag 
_struct_asym.pdbx_modified 
_struct_asym.entity_id 
_struct_asym.details 
A N N 1 ? 
B N N 2 ? 
# 
loop_
_struct_ref.id 
_struct_ref.entity_id 
_struct_ref.db_name 
_struct_ref.db_code 
_struct_ref.pdbx_db_accession 
_struct_ref.pdbx_db_isoform 
_struct_ref.pdbx_seq_one_letter_code 
_struct_ref.pdbx_align_begin 
1 1 PDB 1AFZ 1AFZ ? ? ? 
2 2 PDB 1AFZ 1AFZ ? ? ? 
# 
loop_
_struct_ref_seq.align_id 
_struct_ref_seq.ref_id 
_struct_ref_seq.pdbx_PDB_id_code 
_struct_ref_seq.pdbx_strand_id 
_struct_ref_seq.seq_align_beg 
_struct_ref_seq.pdbx_seq_align_beg_ins_code 
_struct_ref_seq.seq_align_end 
_struct_ref_seq.pdbx_seq_align_end_ins_code 
_struct_ref_seq.pdbx_db_accession 
_struct_ref_seq.db_align_beg 
_struct_ref_seq.pdbx_db_align_beg_ins_code 
_struct_ref_seq.db_align_end 
_struct_ref_seq.pdbx_db_align_end_ins_code 
_struct_ref_seq.pdbx_auth_seq_align_beg 
_struct_ref_seq.pdbx_auth_seq_align_end 
1 1 1AFZ A 1 ? 11 ? 1AFZ 1  ? 11 ? 1  11 
2 2 1AFZ B 1 ? 11 ? 1AFZ 12 ? 22 ? 12 22 
# 
_pdbx_struct_assembly.id                   1 
_pdbx_struct_assembly.details              author_defined_assembly 
_pdbx_struct_assembly.method_details       ? 
_pdbx_struct_assembly.oligomeric_details   dimeric 
_pdbx_struct_assembly.oligomeric_count     2 
# 
_pdbx_struct_assembly_gen.assembly_id       1 
_pdbx_struct_assembly_gen.oper_expression   1 
_pdbx_struct_assembly_gen.asym_id_list      A,B 
# 
_pdbx_struct_oper_list.id                   1 
_pdbx_struct_oper_list.type                 'identity operation' 
_pdbx_struct_oper_list.name                 1_555 
_pdbx_struct_oper_list.symmetry_operation   x,y,z 
_pdbx_struct_oper_list.matrix[1][1]         1.0000000000 
_pdbx_struct_oper_list.matrix[1][2]         0.0000000000 
_pdbx_struct_oper_list.matrix[1][3]         0.0000000000 
_pdbx_struct_oper_list.vector[1]            0.0000000000 
_pdbx_struct_oper_list.matrix[2][1]         0.0000000000 
_pdbx_struct_oper_list.matrix[2][2]         1.0000000000 
_pdbx_struct_oper_list.matrix[2][3]         0.0000000000 
_pdbx_struct_oper_list.vector[2]            0.0000000000 
_pdbx_struct_oper_list.matrix[3][1]         0.0000000000 
_pdbx_struct_oper_list.matrix[3][2]         0.0000000000 
_pdbx_struct_oper_list.matrix[3][3]         1.0000000000 
_pdbx_struct_oper_list.vector[3]            0.0000000000 
# 
_struct_biol.id   1 
# 
loop_
_struct_conn.id 
_struct_conn.conn_type_id 
_struct_conn.pdbx_leaving_atom_flag 
_struct_conn.pdbx_PDB_id 
_struct_conn.ptnr1_label_asym_id 
_struct_conn.ptnr1_label_comp_id 
_struct_conn.ptnr1_label_seq_id 
_struct_conn.ptnr1_label_atom_id 
_struct_conn.pdbx_ptnr1_label_alt_id 
_struct_conn.pdbx_ptnr1_PDB_ins_code 
_struct_conn.pdbx_ptnr1_standard_comp_id 
_struct_conn.ptnr1_symmetry 
_struct_conn.ptnr2_label_asym_id 
_struct_conn.ptnr2_label_comp_id 
_struct_conn.ptnr2_label_seq_id 
_struct_conn.ptnr2_label_atom_id 
_struct_conn.pdbx_ptnr2_label_alt_id 
_struct_conn.pdbx_ptnr2_PDB_ins_code 
_struct_conn.ptnr1_auth_asym_id 
_struct_conn.ptnr1_auth_comp_id 
_struct_conn.ptnr1_auth_seq_id 
_struct_conn.ptnr2_auth_asym_id 
_struct_conn.ptnr2_auth_comp_id 
_struct_conn.ptnr2_auth_seq_id 
_struct_conn.ptnr2_symmetry 
_struct_conn.pdbx_ptnr3_label_atom_id 
_struct_conn.pdbx_ptnr3_label_seq_id 
_struct_conn.pdbx_ptnr3_label_comp_id 
_struct_conn.pdbx_ptnr3_label_asym_id 
_struct_conn.pdbx_ptnr3_label_alt_id 
_struct_conn.pdbx_ptnr3_PDB_ins_code 
_struct_conn.details 
_struct_conn.pdbx_dist_value 
_struct_conn.pdbx_value_order 
_struct_conn.pdbx_role 
hydrog1  hydrog ? ? A DG 1  N1 ? ? ? 1_555 B DC 11 N3 ? ? A DG 1  B DC 22 1_555 ? ? ? ? ? ? WATSON-CRICK ? ? ? 
hydrog2  hydrog ? ? A DG 1  N2 ? ? ? 1_555 B DC 11 O2 ? ? A DG 1  B DC 22 1_555 ? ? ? ? ? ? WATSON-CRICK ? ? ? 
hydrog3  hydrog ? ? A DG 1  O6 ? ? ? 1_555 B DC 11 N4 ? ? A DG 1  B DC 22 1_555 ? ? ? ? ? ? WATSON-CRICK ? ? ? 
hydrog4  hydrog ? ? A DG 2  N1 ? ? ? 1_555 B DC 10 N3 ? ? A DG 2  B DC 21 1_555 ? ? ? ? ? ? WATSON-CRICK ? ? ? 
hydrog5  hydrog ? ? A DG 2  N2 ? ? ? 1_555 B DC 10 O2 ? ? A DG 2  B DC 21 1_555 ? ? ? ? ? ? WATSON-CRICK ? ? ? 
hydrog6  hydrog ? ? A DG 2  O6 ? ? ? 1_555 B DC 10 N4 ? ? A DG 2  B DC 21 1_555 ? ? ? ? ? ? WATSON-CRICK ? ? ? 
hydrog7  hydrog ? ? A DC 3  N3 ? ? ? 1_555 B DG 9  N1 ? ? A DC 3  B DG 20 1_555 ? ? ? ? ? ? WATSON-CRICK ? ? ? 
hydrog8  hydrog ? ? A DC 3  N4 ? ? ? 1_555 B DG 9  O6 ? ? A DC 3  B DG 20 1_555 ? ? ? ? ? ? WATSON-CRICK ? ? ? 
hydrog9  hydrog ? ? A DC 3  O2 ? ? ? 1_555 B DG 9  N2 ? ? A DC 3  B DG 20 1_555 ? ? ? ? ? ? WATSON-CRICK ? ? ? 
hydrog10 hydrog ? ? A DA 4  N1 ? ? ? 1_555 B DT 8  N3 ? ? A DA 4  B DT 19 1_555 ? ? ? ? ? ? WATSON-CRICK ? ? ? 
hydrog11 hydrog ? ? A DA 4  N6 ? ? ? 1_555 B DT 8  O4 ? ? A DA 4  B DT 19 1_555 ? ? ? ? ? ? WATSON-CRICK ? ? ? 
hydrog12 hydrog ? ? A DG 5  N1 ? ? ? 1_555 B DC 7  N3 ? ? A DG 5  B DC 18 1_555 ? ? ? ? ? ? WATSON-CRICK ? ? ? 
hydrog13 hydrog ? ? A DG 5  N2 ? ? ? 1_555 B DC 7  O2 ? ? A DG 5  B DC 18 1_555 ? ? ? ? ? ? WATSON-CRICK ? ? ? 
hydrog14 hydrog ? ? A DG 5  O6 ? ? ? 1_555 B DC 7  N4 ? ? A DG 5  B DC 18 1_555 ? ? ? ? ? ? WATSON-CRICK ? ? ? 
hydrog15 hydrog ? ? A DG 6  N1 ? ? ? 1_555 B DC 6  N3 ? ? A DG 6  B DC 17 1_555 ? ? ? ? ? ? WATSON-CRICK ? ? ? 
hydrog16 hydrog ? ? A DG 6  N2 ? ? ? 1_555 B DC 6  O2 ? ? A DG 6  B DC 17 1_555 ? ? ? ? ? ? WATSON-CRICK ? ? ? 
hydrog17 hydrog ? ? A DG 6  O6 ? ? ? 1_555 B DC 6  N4 ? ? A DG 6  B DC 17 1_555 ? ? ? ? ? ? WATSON-CRICK ? ? ? 
hydrog18 hydrog ? ? A DT 7  N3 ? ? ? 1_555 B DA 5  N1 ? ? A DT 7  B DA 16 1_555 ? ? ? ? ? ? WATSON-CRICK ? ? ? 
hydrog19 hydrog ? ? A DT 7  O4 ? ? ? 1_555 B DA 5  N6 ? ? A DT 7  B DA 16 1_555 ? ? ? ? ? ? WATSON-CRICK ? ? ? 
hydrog20 hydrog ? ? A DG 8  N1 ? ? ? 1_555 B DC 4  N3 ? ? A DG 8  B DC 15 1_555 ? ? ? ? ? ? WATSON-CRICK ? ? ? 
hydrog21 hydrog ? ? A DG 8  N2 ? ? ? 1_555 B DC 4  O2 ? ? A DG 8  B DC 15 1_555 ? ? ? ? ? ? WATSON-CRICK ? ? ? 
hydrog22 hydrog ? ? A DG 8  O6 ? ? ? 1_555 B DC 4  N4 ? ? A DG 8  B DC 15 1_555 ? ? ? ? ? ? WATSON-CRICK ? ? ? 
hydrog23 hydrog ? ? A DG 9  N1 ? ? ? 1_555 B DC 3  N3 ? ? A DG 9  B DC 14 1_555 ? ? ? ? ? ? WATSON-CRICK ? ? ? 
hydrog24 hydrog ? ? A DG 9  N2 ? ? ? 1_555 B DC 3  O2 ? ? A DG 9  B DC 14 1_555 ? ? ? ? ? ? WATSON-CRICK ? ? ? 
hydrog25 hydrog ? ? A DG 9  O6 ? ? ? 1_555 B DC 3  N4 ? ? A DG 9  B DC 14 1_555 ? ? ? ? ? ? WATSON-CRICK ? ? ? 
hydrog26 hydrog ? ? A DT 10 N3 ? ? ? 1_555 B DA 2  N1 ? ? A DT 10 B DA 13 1_555 ? ? ? ? ? ? WATSON-CRICK ? ? ? 
hydrog27 hydrog ? ? A DT 10 O4 ? ? ? 1_555 B DA 2  N6 ? ? A DT 10 B DA 13 1_555 ? ? ? ? ? ? WATSON-CRICK ? ? ? 
hydrog28 hydrog ? ? A DG 11 N1 ? ? ? 1_555 B DC 1  N3 ? ? A DG 11 B DC 12 1_555 ? ? ? ? ? ? WATSON-CRICK ? ? ? 
hydrog29 hydrog ? ? A DG 11 N2 ? ? ? 1_555 B DC 1  O2 ? ? A DG 11 B DC 12 1_555 ? ? ? ? ? ? WATSON-CRICK ? ? ? 
hydrog30 hydrog ? ? A DG 11 O6 ? ? ? 1_555 B DC 1  N4 ? ? A DG 11 B DC 12 1_555 ? ? ? ? ? ? WATSON-CRICK ? ? ? 
# 
_struct_conn_type.id          hydrog 
_struct_conn_type.criteria    ? 
_struct_conn_type.reference   ? 
# 
loop_
_pdbx_validate_rmsd_angle.id 
_pdbx_validate_rmsd_angle.PDB_model_num 
_pdbx_validate_rmsd_angle.auth_atom_id_1 
_pdbx_validate_rmsd_angle.auth_asym_id_1 
_pdbx_validate_rmsd_angle.auth_comp_id_1 
_pdbx_validate_rmsd_angle.auth_seq_id_1 
_pdbx_validate_rmsd_angle.PDB_ins_code_1 
_pdbx_validate_rmsd_angle.label_alt_id_1 
_pdbx_validate_rmsd_angle.auth_atom_id_2 
_pdbx_validate_rmsd_angle.auth_asym_id_2 
_pdbx_validate_rmsd_angle.auth_comp_id_2 
_pdbx_validate_rmsd_angle.auth_seq_id_2 
_pdbx_validate_rmsd_angle.PDB_ins_code_2 
_pdbx_validate_rmsd_angle.label_alt_id_2 
_pdbx_validate_rmsd_angle.auth_atom_id_3 
_pdbx_validate_rmsd_angle.auth_asym_id_3 
_pdbx_validate_rmsd_angle.auth_comp_id_3 
_pdbx_validate_rmsd_angle.auth_seq_id_3 
_pdbx_validate_rmsd_angle.PDB_ins_code_3 
_pdbx_validate_rmsd_angle.label_alt_id_3 
_pdbx_validate_rmsd_angle.angle_value 
_pdbx_validate_rmsd_angle.angle_target_value 
_pdbx_validate_rmsd_angle.angle_deviation 
_pdbx_validate_rmsd_angle.angle_standard_deviation 
_pdbx_validate_rmsd_angle.linker_flag 
1  1 "O4'" A DG 1  ? ? "C1'" A DG 1  ? ? N9    A DG 1  ? ? 110.92 108.30 2.62   0.30 N 
2  1 N7    A DG 1  ? ? C8    A DG 1  ? ? N9    A DG 1  ? ? 117.55 113.10 4.45   0.50 N 
3  1 C8    A DG 1  ? ? N9    A DG 1  ? ? C4    A DG 1  ? ? 103.71 106.40 -2.69  0.40 N 
4  1 N7    A DG 2  ? ? C8    A DG 2  ? ? N9    A DG 2  ? ? 117.62 113.10 4.52   0.50 N 
5  1 C8    A DG 2  ? ? N9    A DG 2  ? ? C4    A DG 2  ? ? 103.51 106.40 -2.89  0.40 N 
6  1 "O4'" A DC 3  ? ? "C1'" A DC 3  ? ? N1    A DC 3  ? ? 111.79 108.30 3.49   0.30 N 
7  1 "O3'" A DC 3  ? ? P     A DA 4  ? ? "O5'" A DA 4  ? ? 68.57  104.00 -35.43 1.90 Y 
8  1 "O3'" A DC 3  ? ? P     A DA 4  ? ? OP2   A DA 4  ? ? 78.65  105.20 -26.55 2.20 Y 
9  1 "O3'" A DC 3  ? ? P     A DA 4  ? ? OP1   A DA 4  ? ? 132.33 110.50 21.83  1.10 Y 
10 1 OP1   A DA 4  ? ? P     A DA 4  ? ? OP2   A DA 4  ? ? 97.28  119.60 -22.32 1.50 N 
11 1 "O5'" A DA 4  ? ? P     A DA 4  ? ? OP1   A DA 4  ? ? 80.13  105.70 -25.57 0.90 N 
12 1 "O5'" A DA 4  ? ? P     A DA 4  ? ? OP2   A DA 4  ? ? 130.48 110.70 19.78  1.20 N 
13 1 N7    A DA 4  ? ? C8    A DA 4  ? ? N9    A DA 4  ? ? 117.72 113.80 3.92   0.50 N 
14 1 C8    A DA 4  ? ? N9    A DA 4  ? ? C4    A DA 4  ? ? 103.36 105.80 -2.44  0.40 N 
15 1 "O4'" A DG 5  ? ? "C1'" A DG 5  ? ? N9    A DG 5  ? ? 110.24 108.30 1.94   0.30 N 
16 1 N7    A DG 5  ? ? C8    A DG 5  ? ? N9    A DG 5  ? ? 117.57 113.10 4.47   0.50 N 
17 1 C8    A DG 5  ? ? N9    A DG 5  ? ? C4    A DG 5  ? ? 103.77 106.40 -2.63  0.40 N 
18 1 "O4'" A DG 6  ? ? "C1'" A DG 6  ? ? N9    A DG 6  ? ? 110.81 108.30 2.51   0.30 N 
19 1 N7    A DG 6  ? ? C8    A DG 6  ? ? N9    A DG 6  ? ? 117.55 113.10 4.45   0.50 N 
20 1 C8    A DG 6  ? ? N9    A DG 6  ? ? C4    A DG 6  ? ? 103.76 106.40 -2.64  0.40 N 
21 1 "O4'" A DT 7  ? ? "C1'" A DT 7  ? ? N1    A DT 7  ? ? 110.59 108.30 2.29   0.30 N 
22 1 N7    A DG 8  ? ? C8    A DG 8  ? ? N9    A DG 8  ? ? 117.69 113.10 4.59   0.50 N 
23 1 C8    A DG 8  ? ? N9    A DG 8  ? ? C4    A DG 8  ? ? 103.38 106.40 -3.02  0.40 N 
24 1 "O4'" A DG 9  ? ? "C1'" A DG 9  ? ? N9    A DG 9  ? ? 110.98 108.30 2.68   0.30 N 
25 1 N7    A DG 9  ? ? C8    A DG 9  ? ? N9    A DG 9  ? ? 117.57 113.10 4.47   0.50 N 
26 1 C8    A DG 9  ? ? N9    A DG 9  ? ? C4    A DG 9  ? ? 103.76 106.40 -2.64  0.40 N 
27 1 "O4'" A DT 10 ? ? "C1'" A DT 10 ? ? N1    A DT 10 ? ? 111.59 108.30 3.29   0.30 N 
28 1 "O4'" A DG 11 ? ? "C1'" A DG 11 ? ? N9    A DG 11 ? ? 111.34 108.30 3.04   0.30 N 
29 1 N7    A DG 11 ? ? C8    A DG 11 ? ? N9    A DG 11 ? ? 117.65 113.10 4.55   0.50 N 
30 1 C8    A DG 11 ? ? N9    A DG 11 ? ? C4    A DG 11 ? ? 103.60 106.40 -2.80  0.40 N 
31 1 "O4'" B DC 12 ? ? "C1'" B DC 12 ? ? N1    B DC 12 ? ? 111.34 108.30 3.04   0.30 N 
32 1 "O3'" B DC 12 ? ? P     B DA 13 ? ? "O5'" B DA 13 ? ? 68.03  104.00 -35.97 1.90 Y 
33 1 "O3'" B DC 12 ? ? P     B DA 13 ? ? OP2   B DA 13 ? ? 85.32  105.20 -19.88 2.20 Y 
34 1 "O3'" B DC 12 ? ? P     B DA 13 ? ? OP1   B DA 13 ? ? 135.10 110.50 24.60  1.10 Y 
35 1 OP1   B DA 13 ? ? P     B DA 13 ? ? OP2   B DA 13 ? ? 99.14  119.60 -20.46 1.50 N 
36 1 "O5'" B DA 13 ? ? P     B DA 13 ? ? OP1   B DA 13 ? ? 74.48  105.70 -31.22 0.90 N 
37 1 "O5'" B DA 13 ? ? P     B DA 13 ? ? OP2   B DA 13 ? ? 127.53 110.70 16.83  1.20 N 
38 1 "O4'" B DA 13 ? ? "C1'" B DA 13 ? ? N9    B DA 13 ? ? 111.69 108.30 3.39   0.30 N 
39 1 N7    B DA 13 ? ? C8    B DA 13 ? ? N9    B DA 13 ? ? 117.47 113.80 3.67   0.50 N 
40 1 "O3'" B DA 13 ? ? P     B DC 14 ? ? "O5'" B DC 14 ? ? 68.24  104.00 -35.76 1.90 Y 
41 1 "O3'" B DA 13 ? ? P     B DC 14 ? ? OP2   B DC 14 ? ? 74.04  105.20 -31.16 2.20 Y 
42 1 "O3'" B DA 13 ? ? P     B DC 14 ? ? OP1   B DC 14 ? ? 126.80 110.50 16.30  1.10 Y 
43 1 OP1   B DC 14 ? ? P     B DC 14 ? ? OP2   B DC 14 ? ? 99.42  119.60 -20.18 1.50 N 
44 1 "O5'" B DC 14 ? ? P     B DC 14 ? ? OP1   B DC 14 ? ? 84.88  105.70 -20.82 0.90 N 
45 1 "O5'" B DC 14 ? ? P     B DC 14 ? ? OP2   B DC 14 ? ? 135.11 110.70 24.41  1.20 N 
46 1 "O4'" B DC 14 ? ? "C1'" B DC 14 ? ? N1    B DC 14 ? ? 110.55 108.30 2.25   0.30 N 
47 1 "O4'" B DC 15 ? ? "C1'" B DC 15 ? ? N1    B DC 15 ? ? 111.64 108.30 3.34   0.30 N 
48 1 "O3'" B DC 15 ? ? P     B DA 16 ? ? "O5'" B DA 16 ? ? 67.51  104.00 -36.49 1.90 Y 
49 1 "O3'" B DC 15 ? ? P     B DA 16 ? ? OP2   B DA 16 ? ? 127.16 110.50 16.66  1.10 Y 
50 1 "O3'" B DC 15 ? ? P     B DA 16 ? ? OP1   B DA 16 ? ? 74.66  105.20 -30.54 2.20 Y 
51 1 OP1   B DA 16 ? ? P     B DA 16 ? ? OP2   B DA 16 ? ? 99.91  119.60 -19.69 1.50 N 
52 1 "O5'" B DA 16 ? ? P     B DA 16 ? ? OP1   B DA 16 ? ? 134.88 110.70 24.18  1.20 N 
53 1 "O5'" B DA 16 ? ? P     B DA 16 ? ? OP2   B DA 16 ? ? 84.73  105.70 -20.97 0.90 N 
54 1 "O4'" B DA 16 ? ? "C1'" B DA 16 ? ? N9    B DA 16 ? ? 110.67 108.30 2.37   0.30 N 
55 1 N7    B DA 16 ? ? C8    B DA 16 ? ? N9    B DA 16 ? ? 117.53 113.80 3.73   0.50 N 
56 1 "O4'" B DC 17 ? ? "C1'" B DC 17 ? ? N1    B DC 17 ? ? 112.08 108.30 3.78   0.30 N 
57 1 "O3'" B DC 17 ? ? P     B DC 18 ? ? "O5'" B DC 18 ? ? 67.30  104.00 -36.70 1.90 Y 
58 1 "O3'" B DC 17 ? ? P     B DC 18 ? ? OP2   B DC 18 ? ? 72.52  105.20 -32.68 2.20 Y 
59 1 "O3'" B DC 17 ? ? P     B DC 18 ? ? OP1   B DC 18 ? ? 124.75 110.50 14.25  1.10 Y 
60 1 OP1   B DC 18 ? ? P     B DC 18 ? ? OP2   B DC 18 ? ? 102.08 119.60 -17.52 1.50 N 
61 1 "O5'" B DC 18 ? ? P     B DC 18 ? ? OP1   B DC 18 ? ? 88.82  105.70 -16.88 0.90 N 
62 1 "O5'" B DC 18 ? ? P     B DC 18 ? ? OP2   B DC 18 ? ? 136.98 110.70 26.28  1.20 N 
63 1 "O4'" B DC 18 ? ? "C1'" B DC 18 ? ? N1    B DC 18 ? ? 111.04 108.30 2.74   0.30 N 
64 1 "O3'" B DC 18 ? ? P     B DT 19 ? ? "O5'" B DT 19 ? ? 68.96  104.00 -35.04 1.90 Y 
65 1 "O3'" B DC 18 ? ? P     B DT 19 ? ? OP2   B DT 19 ? ? 75.25  105.20 -29.95 2.20 Y 
66 1 "O3'" B DC 18 ? ? P     B DT 19 ? ? OP1   B DT 19 ? ? 129.00 110.50 18.50  1.10 Y 
67 1 OP1   B DT 19 ? ? P     B DT 19 ? ? OP2   B DT 19 ? ? 97.63  119.60 -21.97 1.50 N 
68 1 "O5'" B DT 19 ? ? P     B DT 19 ? ? OP1   B DT 19 ? ? 83.30  105.70 -22.40 0.90 N 
69 1 "O5'" B DT 19 ? ? P     B DT 19 ? ? OP2   B DT 19 ? ? 133.48 110.70 22.78  1.20 N 
70 1 "O4'" B DT 19 ? ? "C1'" B DT 19 ? ? N1    B DT 19 ? ? 110.66 108.30 2.36   0.30 N 
71 1 "O4'" B DG 20 ? ? "C1'" B DG 20 ? ? N9    B DG 20 ? ? 112.04 108.30 3.74   0.30 N 
72 1 N7    B DG 20 ? ? C8    B DG 20 ? ? N9    B DG 20 ? ? 117.49 113.10 4.39   0.50 N 
73 1 C8    B DG 20 ? ? N9    B DG 20 ? ? C4    B DG 20 ? ? 103.99 106.40 -2.41  0.40 N 
74 1 "O3'" B DG 20 ? ? P     B DC 21 ? ? "O5'" B DC 21 ? ? 68.80  104.00 -35.20 1.90 Y 
75 1 "O3'" B DG 20 ? ? P     B DC 21 ? ? OP2   B DC 21 ? ? 129.63 110.50 19.13  1.10 Y 
76 1 "O3'" B DG 20 ? ? P     B DC 21 ? ? OP1   B DC 21 ? ? 76.02  105.20 -29.18 2.20 Y 
77 1 OP1   B DC 21 ? ? P     B DC 21 ? ? OP2   B DC 21 ? ? 97.71  119.60 -21.89 1.50 N 
78 1 "O5'" B DC 21 ? ? P     B DC 21 ? ? OP1   B DC 21 ? ? 133.08 110.70 22.38  1.20 N 
79 1 "O5'" B DC 21 ? ? P     B DC 21 ? ? OP2   B DC 21 ? ? 82.55  105.70 -23.15 0.90 N 
80 1 "O4'" B DC 21 ? ? "C1'" B DC 21 ? ? N1    B DC 21 ? ? 111.63 108.30 3.33   0.30 N 
81 1 "O3'" B DC 21 ? ? P     B DC 22 ? ? "O5'" B DC 22 ? ? 68.10  104.00 -35.90 1.90 Y 
82 1 "O3'" B DC 21 ? ? P     B DC 22 ? ? OP2   B DC 22 ? ? 127.36 110.50 16.86  1.10 Y 
83 1 "O3'" B DC 21 ? ? P     B DC 22 ? ? OP1   B DC 22 ? ? 74.11  105.20 -31.09 2.20 Y 
84 1 OP1   B DC 22 ? ? P     B DC 22 ? ? OP2   B DC 22 ? ? 99.24  119.60 -20.36 1.50 N 
85 1 "O5'" B DC 22 ? ? P     B DC 22 ? ? OP1   B DC 22 ? ? 134.84 110.70 24.14  1.20 N 
86 1 "O5'" B DC 22 ? ? P     B DC 22 ? ? OP2   B DC 22 ? ? 85.24  105.70 -20.46 0.90 N 
87 1 "O4'" B DC 22 ? ? "C1'" B DC 22 ? ? N1    B DC 22 ? ? 110.27 108.30 1.97   0.30 N 
# 
_pdbx_nmr_ensemble.entry_id                             1AFZ 
_pdbx_nmr_ensemble.conformers_calculated_total_number   1 
_pdbx_nmr_ensemble.conformers_submitted_total_number    1 
_pdbx_nmr_ensemble.conformer_selection_criteria         
'THIS STRUCTURE PROVIDED THE BEST-FIT FOR THE NOE DATA BASED ON THE RELAXATION MATRIX ANALYSIS USING CORMA.' 
# 
_pdbx_nmr_exptl_sample_conditions.conditions_id       1 
_pdbx_nmr_exptl_sample_conditions.temperature         303 
_pdbx_nmr_exptl_sample_conditions.pressure            ? 
_pdbx_nmr_exptl_sample_conditions.pH                  6.9 
_pdbx_nmr_exptl_sample_conditions.ionic_strength      ? 
_pdbx_nmr_exptl_sample_conditions.pressure_units      . 
_pdbx_nmr_exptl_sample_conditions.temperature_units   K 
# 
loop_
_pdbx_nmr_exptl.experiment_id 
_pdbx_nmr_exptl.conditions_id 
_pdbx_nmr_exptl.type 
_pdbx_nmr_exptl.solution_id 
1 1 NOESY    1 
2 1 2QF-COSY 1 
3 1 TOCSY    1 
# 
_pdbx_nmr_details.entry_id   1AFZ 
_pdbx_nmr_details.text       'SEE JRNL CITATION ABOVE FOR ADDITIONAL NMR EXPERIMENTAL DETAILS. SOLVENT SYSTEM : D2O, H2O' 
# 
_pdbx_nmr_refine.entry_id           1AFZ 
_pdbx_nmr_refine.method             'NOE-RESTRAINED MOLECULAR DYNAMICS/SIMULATED ANNEALING' 
_pdbx_nmr_refine.details            'REFINEMENT DETAILS CAN BE FOUND IN THE JRNL CITATION ABOVE.' 
_pdbx_nmr_refine.software_ordinal   1 
# 
loop_
_pdbx_nmr_software.classification 
_pdbx_nmr_software.name 
_pdbx_nmr_software.version 
_pdbx_nmr_software.authors 
_pdbx_nmr_software.ordinal 
refinement           X-PLOR    3.1 BRUNGER 1 
'structure solution' Felix     ?   ?       2 
'structure solution' X-PLOR    ?   ?       3 
'structure solution' MARDIGRAS ?   ?       4 
'structure solution' CORMA     ?   ?       5 
# 
loop_
_chem_comp_atom.comp_id 
_chem_comp_atom.atom_id 
_chem_comp_atom.type_symbol 
_chem_comp_atom.pdbx_aromatic_flag 
_chem_comp_atom.pdbx_stereo_config 
_chem_comp_atom.pdbx_ordinal 
DA OP3    O N N 1   
DA P      P N N 2   
DA OP1    O N N 3   
DA OP2    O N N 4   
DA "O5'"  O N N 5   
DA "C5'"  C N N 6   
DA "C4'"  C N R 7   
DA "O4'"  O N N 8   
DA "C3'"  C N S 9   
DA "O3'"  O N N 10  
DA "C2'"  C N N 11  
DA "C1'"  C N R 12  
DA N9     N Y N 13  
DA C8     C Y N 14  
DA N7     N Y N 15  
DA C5     C Y N 16  
DA C6     C Y N 17  
DA N6     N N N 18  
DA N1     N Y N 19  
DA C2     C Y N 20  
DA N3     N Y N 21  
DA C4     C Y N 22  
DA HOP3   H N N 23  
DA HOP2   H N N 24  
DA "H5'"  H N N 25  
DA "H5''" H N N 26  
DA "H4'"  H N N 27  
DA "H3'"  H N N 28  
DA "HO3'" H N N 29  
DA "H2'"  H N N 30  
DA "H2''" H N N 31  
DA "H1'"  H N N 32  
DA H8     H N N 33  
DA H61    H N N 34  
DA H62    H N N 35  
DA H2     H N N 36  
DC OP3    O N N 37  
DC P      P N N 38  
DC OP1    O N N 39  
DC OP2    O N N 40  
DC "O5'"  O N N 41  
DC "C5'"  C N N 42  
DC "C4'"  C N R 43  
DC "O4'"  O N N 44  
DC "C3'"  C N S 45  
DC "O3'"  O N N 46  
DC "C2'"  C N N 47  
DC "C1'"  C N R 48  
DC N1     N N N 49  
DC C2     C N N 50  
DC O2     O N N 51  
DC N3     N N N 52  
DC C4     C N N 53  
DC N4     N N N 54  
DC C5     C N N 55  
DC C6     C N N 56  
DC HOP3   H N N 57  
DC HOP2   H N N 58  
DC "H5'"  H N N 59  
DC "H5''" H N N 60  
DC "H4'"  H N N 61  
DC "H3'"  H N N 62  
DC "HO3'" H N N 63  
DC "H2'"  H N N 64  
DC "H2''" H N N 65  
DC "H1'"  H N N 66  
DC H41    H N N 67  
DC H42    H N N 68  
DC H5     H N N 69  
DC H6     H N N 70  
DG OP3    O N N 71  
DG P      P N N 72  
DG OP1    O N N 73  
DG OP2    O N N 74  
DG "O5'"  O N N 75  
DG "C5'"  C N N 76  
DG "C4'"  C N R 77  
DG "O4'"  O N N 78  
DG "C3'"  C N S 79  
DG "O3'"  O N N 80  
DG "C2'"  C N N 81  
DG "C1'"  C N R 82  
DG N9     N Y N 83  
DG C8     C Y N 84  
DG N7     N Y N 85  
DG C5     C Y N 86  
DG C6     C N N 87  
DG O6     O N N 88  
DG N1     N N N 89  
DG C2     C N N 90  
DG N2     N N N 91  
DG N3     N N N 92  
DG C4     C Y N 93  
DG HOP3   H N N 94  
DG HOP2   H N N 95  
DG "H5'"  H N N 96  
DG "H5''" H N N 97  
DG "H4'"  H N N 98  
DG "H3'"  H N N 99  
DG "HO3'" H N N 100 
DG "H2'"  H N N 101 
DG "H2''" H N N 102 
DG "H1'"  H N N 103 
DG H8     H N N 104 
DG H1     H N N 105 
DG H21    H N N 106 
DG H22    H N N 107 
DT OP3    O N N 108 
DT P      P N N 109 
DT OP1    O N N 110 
DT OP2    O N N 111 
DT "O5'"  O N N 112 
DT "C5'"  C N N 113 
DT "C4'"  C N R 114 
DT "O4'"  O N N 115 
DT "C3'"  C N S 116 
DT "O3'"  O N N 117 
DT "C2'"  C N N 118 
DT "C1'"  C N R 119 
DT N1     N N N 120 
DT C2     C N N 121 
DT O2     O N N 122 
DT N3     N N N 123 
DT C4     C N N 124 
DT O4     O N N 125 
DT C5     C N N 126 
DT C7     C N N 127 
DT C6     C N N 128 
DT HOP3   H N N 129 
DT HOP2   H N N 130 
DT "H5'"  H N N 131 
DT "H5''" H N N 132 
DT "H4'"  H N N 133 
DT "H3'"  H N N 134 
DT "HO3'" H N N 135 
DT "H2'"  H N N 136 
DT "H2''" H N N 137 
DT "H1'"  H N N 138 
DT H3     H N N 139 
DT H71    H N N 140 
DT H72    H N N 141 
DT H73    H N N 142 
DT H6     H N N 143 
# 
loop_
_chem_comp_bond.comp_id 
_chem_comp_bond.atom_id_1 
_chem_comp_bond.atom_id_2 
_chem_comp_bond.value_order 
_chem_comp_bond.pdbx_aromatic_flag 
_chem_comp_bond.pdbx_stereo_config 
_chem_comp_bond.pdbx_ordinal 
DA OP3   P      sing N N 1   
DA OP3   HOP3   sing N N 2   
DA P     OP1    doub N N 3   
DA P     OP2    sing N N 4   
DA P     "O5'"  sing N N 5   
DA OP2   HOP2   sing N N 6   
DA "O5'" "C5'"  sing N N 7   
DA "C5'" "C4'"  sing N N 8   
DA "C5'" "H5'"  sing N N 9   
DA "C5'" "H5''" sing N N 10  
DA "C4'" "O4'"  sing N N 11  
DA "C4'" "C3'"  sing N N 12  
DA "C4'" "H4'"  sing N N 13  
DA "O4'" "C1'"  sing N N 14  
DA "C3'" "O3'"  sing N N 15  
DA "C3'" "C2'"  sing N N 16  
DA "C3'" "H3'"  sing N N 17  
DA "O3'" "HO3'" sing N N 18  
DA "C2'" "C1'"  sing N N 19  
DA "C2'" "H2'"  sing N N 20  
DA "C2'" "H2''" sing N N 21  
DA "C1'" N9     sing N N 22  
DA "C1'" "H1'"  sing N N 23  
DA N9    C8     sing Y N 24  
DA N9    C4     sing Y N 25  
DA C8    N7     doub Y N 26  
DA C8    H8     sing N N 27  
DA N7    C5     sing Y N 28  
DA C5    C6     sing Y N 29  
DA C5    C4     doub Y N 30  
DA C6    N6     sing N N 31  
DA C6    N1     doub Y N 32  
DA N6    H61    sing N N 33  
DA N6    H62    sing N N 34  
DA N1    C2     sing Y N 35  
DA C2    N3     doub Y N 36  
DA C2    H2     sing N N 37  
DA N3    C4     sing Y N 38  
DC OP3   P      sing N N 39  
DC OP3   HOP3   sing N N 40  
DC P     OP1    doub N N 41  
DC P     OP2    sing N N 42  
DC P     "O5'"  sing N N 43  
DC OP2   HOP2   sing N N 44  
DC "O5'" "C5'"  sing N N 45  
DC "C5'" "C4'"  sing N N 46  
DC "C5'" "H5'"  sing N N 47  
DC "C5'" "H5''" sing N N 48  
DC "C4'" "O4'"  sing N N 49  
DC "C4'" "C3'"  sing N N 50  
DC "C4'" "H4'"  sing N N 51  
DC "O4'" "C1'"  sing N N 52  
DC "C3'" "O3'"  sing N N 53  
DC "C3'" "C2'"  sing N N 54  
DC "C3'" "H3'"  sing N N 55  
DC "O3'" "HO3'" sing N N 56  
DC "C2'" "C1'"  sing N N 57  
DC "C2'" "H2'"  sing N N 58  
DC "C2'" "H2''" sing N N 59  
DC "C1'" N1     sing N N 60  
DC "C1'" "H1'"  sing N N 61  
DC N1    C2     sing N N 62  
DC N1    C6     sing N N 63  
DC C2    O2     doub N N 64  
DC C2    N3     sing N N 65  
DC N3    C4     doub N N 66  
DC C4    N4     sing N N 67  
DC C4    C5     sing N N 68  
DC N4    H41    sing N N 69  
DC N4    H42    sing N N 70  
DC C5    C6     doub N N 71  
DC C5    H5     sing N N 72  
DC C6    H6     sing N N 73  
DG OP3   P      sing N N 74  
DG OP3   HOP3   sing N N 75  
DG P     OP1    doub N N 76  
DG P     OP2    sing N N 77  
DG P     "O5'"  sing N N 78  
DG OP2   HOP2   sing N N 79  
DG "O5'" "C5'"  sing N N 80  
DG "C5'" "C4'"  sing N N 81  
DG "C5'" "H5'"  sing N N 82  
DG "C5'" "H5''" sing N N 83  
DG "C4'" "O4'"  sing N N 84  
DG "C4'" "C3'"  sing N N 85  
DG "C4'" "H4'"  sing N N 86  
DG "O4'" "C1'"  sing N N 87  
DG "C3'" "O3'"  sing N N 88  
DG "C3'" "C2'"  sing N N 89  
DG "C3'" "H3'"  sing N N 90  
DG "O3'" "HO3'" sing N N 91  
DG "C2'" "C1'"  sing N N 92  
DG "C2'" "H2'"  sing N N 93  
DG "C2'" "H2''" sing N N 94  
DG "C1'" N9     sing N N 95  
DG "C1'" "H1'"  sing N N 96  
DG N9    C8     sing Y N 97  
DG N9    C4     sing Y N 98  
DG C8    N7     doub Y N 99  
DG C8    H8     sing N N 100 
DG N7    C5     sing Y N 101 
DG C5    C6     sing N N 102 
DG C5    C4     doub Y N 103 
DG C6    O6     doub N N 104 
DG C6    N1     sing N N 105 
DG N1    C2     sing N N 106 
DG N1    H1     sing N N 107 
DG C2    N2     sing N N 108 
DG C2    N3     doub N N 109 
DG N2    H21    sing N N 110 
DG N2    H22    sing N N 111 
DG N3    C4     sing N N 112 
DT OP3   P      sing N N 113 
DT OP3   HOP3   sing N N 114 
DT P     OP1    doub N N 115 
DT P     OP2    sing N N 116 
DT P     "O5'"  sing N N 117 
DT OP2   HOP2   sing N N 118 
DT "O5'" "C5'"  sing N N 119 
DT "C5'" "C4'"  sing N N 120 
DT "C5'" "H5'"  sing N N 121 
DT "C5'" "H5''" sing N N 122 
DT "C4'" "O4'"  sing N N 123 
DT "C4'" "C3'"  sing N N 124 
DT "C4'" "H4'"  sing N N 125 
DT "O4'" "C1'"  sing N N 126 
DT "C3'" "O3'"  sing N N 127 
DT "C3'" "C2'"  sing N N 128 
DT "C3'" "H3'"  sing N N 129 
DT "O3'" "HO3'" sing N N 130 
DT "C2'" "C1'"  sing N N 131 
DT "C2'" "H2'"  sing N N 132 
DT "C2'" "H2''" sing N N 133 
DT "C1'" N1     sing N N 134 
DT "C1'" "H1'"  sing N N 135 
DT N1    C2     sing N N 136 
DT N1    C6     sing N N 137 
DT C2    O2     doub N N 138 
DT C2    N3     sing N N 139 
DT N3    C4     sing N N 140 
DT N3    H3     sing N N 141 
DT C4    O4     doub N N 142 
DT C4    C5     sing N N 143 
DT C5    C7     sing N N 144 
DT C5    C6     doub N N 145 
DT C7    H71    sing N N 146 
DT C7    H72    sing N N 147 
DT C7    H73    sing N N 148 
DT C6    H6     sing N N 149 
# 
_ndb_struct_conf_na.entry_id   1AFZ 
_ndb_struct_conf_na.feature    'b-form double helix' 
# 
loop_
_ndb_struct_na_base_pair.model_number 
_ndb_struct_na_base_pair.i_label_asym_id 
_ndb_struct_na_base_pair.i_label_comp_id 
_ndb_struct_na_base_pair.i_label_seq_id 
_ndb_struct_na_base_pair.i_symmetry 
_ndb_struct_na_base_pair.j_label_asym_id 
_ndb_struct_na_base_pair.j_label_comp_id 
_ndb_struct_na_base_pair.j_label_seq_id 
_ndb_struct_na_base_pair.j_symmetry 
_ndb_struct_na_base_pair.shear 
_ndb_struct_na_base_pair.stretch 
_ndb_struct_na_base_pair.stagger 
_ndb_struct_na_base_pair.buckle 
_ndb_struct_na_base_pair.propeller 
_ndb_struct_na_base_pair.opening 
_ndb_struct_na_base_pair.pair_number 
_ndb_struct_na_base_pair.pair_name 
_ndb_struct_na_base_pair.i_auth_asym_id 
_ndb_struct_na_base_pair.i_auth_seq_id 
_ndb_struct_na_base_pair.i_PDB_ins_code 
_ndb_struct_na_base_pair.j_auth_asym_id 
_ndb_struct_na_base_pair.j_auth_seq_id 
_ndb_struct_na_base_pair.j_PDB_ins_code 
_ndb_struct_na_base_pair.hbond_type_28 
_ndb_struct_na_base_pair.hbond_type_12 
1 A DG 1  1_555 B DC 11 1_555 -0.732 -0.204 -0.600 -28.545 -14.389 2.012  1  A_DG1:DC22_B  A 1  ? B 22 ? 19 1 
1 A DG 2  1_555 B DC 10 1_555 -0.511 -0.296 -0.208 -11.999 -12.768 -1.624 2  A_DG2:DC21_B  A 2  ? B 21 ? 19 1 
1 A DC 3  1_555 B DG 9  1_555 0.570  -0.337 -0.052 1.429   -13.699 -3.054 3  A_DC3:DG20_B  A 3  ? B 20 ? 19 1 
1 A DA 4  1_555 B DT 8  1_555 0.543  -0.149 -0.135 2.066   -16.464 -4.418 4  A_DA4:DT19_B  A 4  ? B 19 ? 20 1 
1 A DG 5  1_555 B DC 7  1_555 -0.675 -0.249 0.374  8.232   -8.190  -0.381 5  A_DG5:DC18_B  A 5  ? B 18 ? 19 1 
1 A DG 6  1_555 B DC 6  1_555 -0.702 -0.371 -0.313 2.905   -22.949 1.283  6  A_DG6:DC17_B  A 6  ? B 17 ? 19 1 
1 A DT 7  1_555 B DA 5  1_555 -0.574 -0.180 -0.502 7.583   -25.086 -1.835 7  A_DT7:DA16_B  A 7  ? B 16 ? 20 1 
1 A DG 8  1_555 B DC 4  1_555 -0.639 -0.372 -0.264 -5.615  -20.065 -1.038 8  A_DG8:DC15_B  A 8  ? B 15 ? 19 1 
1 A DG 9  1_555 B DC 3  1_555 -0.342 -0.143 -0.322 -10.356 -20.625 0.714  9  A_DG9:DC14_B  A 9  ? B 14 ? 19 1 
1 A DT 10 1_555 B DA 2  1_555 -0.619 -0.175 -0.237 3.026   -17.147 -5.538 10 A_DT10:DA13_B A 10 ? B 13 ? 20 1 
1 A DG 11 1_555 B DC 1  1_555 -0.691 -0.347 0.438  18.531  1.076   -1.224 11 A_DG11:DC12_B A 11 ? B 12 ? 19 1 
# 
loop_
_ndb_struct_na_base_pair_step.model_number 
_ndb_struct_na_base_pair_step.i_label_asym_id_1 
_ndb_struct_na_base_pair_step.i_label_comp_id_1 
_ndb_struct_na_base_pair_step.i_label_seq_id_1 
_ndb_struct_na_base_pair_step.i_symmetry_1 
_ndb_struct_na_base_pair_step.j_label_asym_id_1 
_ndb_struct_na_base_pair_step.j_label_comp_id_1 
_ndb_struct_na_base_pair_step.j_label_seq_id_1 
_ndb_struct_na_base_pair_step.j_symmetry_1 
_ndb_struct_na_base_pair_step.i_label_asym_id_2 
_ndb_struct_na_base_pair_step.i_label_comp_id_2 
_ndb_struct_na_base_pair_step.i_label_seq_id_2 
_ndb_struct_na_base_pair_step.i_symmetry_2 
_ndb_struct_na_base_pair_step.j_label_asym_id_2 
_ndb_struct_na_base_pair_step.j_label_comp_id_2 
_ndb_struct_na_base_pair_step.j_label_seq_id_2 
_ndb_struct_na_base_pair_step.j_symmetry_2 
_ndb_struct_na_base_pair_step.shift 
_ndb_struct_na_base_pair_step.slide 
_ndb_struct_na_base_pair_step.rise 
_ndb_struct_na_base_pair_step.tilt 
_ndb_struct_na_base_pair_step.roll 
_ndb_struct_na_base_pair_step.twist 
_ndb_struct_na_base_pair_step.x_displacement 
_ndb_struct_na_base_pair_step.y_displacement 
_ndb_struct_na_base_pair_step.helical_rise 
_ndb_struct_na_base_pair_step.inclination 
_ndb_struct_na_base_pair_step.tip 
_ndb_struct_na_base_pair_step.helical_twist 
_ndb_struct_na_base_pair_step.step_number 
_ndb_struct_na_base_pair_step.step_name 
_ndb_struct_na_base_pair_step.i_auth_asym_id_1 
_ndb_struct_na_base_pair_step.i_auth_seq_id_1 
_ndb_struct_na_base_pair_step.i_PDB_ins_code_1 
_ndb_struct_na_base_pair_step.j_auth_asym_id_1 
_ndb_struct_na_base_pair_step.j_auth_seq_id_1 
_ndb_struct_na_base_pair_step.j_PDB_ins_code_1 
_ndb_struct_na_base_pair_step.i_auth_asym_id_2 
_ndb_struct_na_base_pair_step.i_auth_seq_id_2 
_ndb_struct_na_base_pair_step.i_PDB_ins_code_2 
_ndb_struct_na_base_pair_step.j_auth_asym_id_2 
_ndb_struct_na_base_pair_step.j_auth_seq_id_2 
_ndb_struct_na_base_pair_step.j_PDB_ins_code_2 
1 A DG 1  1_555 B DC 11 1_555 A DG 2  1_555 B DC 10 1_555 -0.516 0.508  2.959 -4.412 -2.638 35.712 1.160  0.265  2.956 -4.275  
7.149  36.068 1  AA_DG1DG2:DC21DC22_BB   A 1  ? B 22 ? A 2  ? B 21 ? 
1 A DG 2  1_555 B DC 10 1_555 A DC 3  1_555 B DG 9  1_555 -0.145 0.226  2.913 -1.336 -7.217 38.772 1.089  0.075  2.831 -10.754 
1.991  39.434 2  AA_DG2DC3:DG20DC21_BB   A 2  ? B 21 ? A 3  ? B 20 ? 
1 A DC 3  1_555 B DG 9  1_555 A DA 4  1_555 B DT 8  1_555 -0.258 0.455  3.411 2.085  6.476  35.913 -0.216 0.715  3.419 10.388  
-3.344 36.531 3  AA_DC3DA4:DT19DG20_BB   A 3  ? B 20 ? A 4  ? B 19 ? 
1 A DA 4  1_555 B DT 8  1_555 A DG 5  1_555 B DC 7  1_555 0.317  -0.042 3.118 -2.799 -4.075 30.195 0.686  -1.127 3.056 -7.758  
5.328  30.587 4  AA_DA4DG5:DC18DT19_BB   A 4  ? B 19 ? A 5  ? B 18 ? 
1 A DG 5  1_555 B DC 7  1_555 A DG 6  1_555 B DC 6  1_555 0.057  0.578  3.570 3.769  4.365  38.432 0.284  0.420  3.601 6.586   
-5.687 38.846 5  AA_DG5DG6:DC17DC18_BB   A 5  ? B 18 ? A 6  ? B 17 ? 
1 A DG 6  1_555 B DC 6  1_555 A DT 7  1_555 B DA 5  1_555 -0.428 0.420  2.956 -0.109 -3.067 36.108 1.061  0.674  2.913 -4.937  
0.175  36.233 6  AA_DG6DT7:DA16DC17_BB   A 6  ? B 17 ? A 7  ? B 16 ? 
1 A DT 7  1_555 B DA 5  1_555 A DG 8  1_555 B DC 4  1_555 -0.197 1.232  3.887 -3.254 5.587  40.452 1.018  -0.151 4.018 8.018   
4.669  40.944 7  AA_DT7DG8:DC15DA16_BB   A 7  ? B 16 ? A 8  ? B 15 ? 
1 A DG 8  1_555 B DC 4  1_555 A DG 9  1_555 B DC 3  1_555 0.367  0.757  3.415 -1.267 -1.775 39.284 1.343  -0.702 3.366 -2.638  
1.883  39.342 8  AA_DG8DG9:DC14DC15_BB   A 8  ? B 15 ? A 9  ? B 14 ? 
1 A DG 9  1_555 B DC 3  1_555 A DT 10 1_555 B DA 2  1_555 -0.377 0.241  2.802 -2.525 -6.404 35.609 1.155  0.303  2.739 -10.353 
4.083  36.247 9  AA_DG9DT10:DA13DC14_BB  A 9  ? B 14 ? A 10 ? B 13 ? 
1 A DT 10 1_555 B DA 2  1_555 A DG 11 1_555 B DC 1  1_555 -0.009 0.350  2.826 -6.819 4.543  31.115 -0.077 -1.048 2.788 8.291   
12.444 32.150 10 AA_DT10DG11:DC12DA13_BB A 10 ? B 13 ? A 11 ? B 12 ? 
# 
_pdbx_nmr_spectrometer.spectrometer_id   1 
_pdbx_nmr_spectrometer.model             AMX500 
_pdbx_nmr_spectrometer.manufacturer      Bruker 
_pdbx_nmr_spectrometer.field_strength    500 
# 
_atom_sites.entry_id                    1AFZ 
_atom_sites.fract_transf_matrix[1][1]   1.000000 
_atom_sites.fract_transf_matrix[1][2]   0.000000 
_atom_sites.fract_transf_matrix[1][3]   0.000000 
_atom_sites.fract_transf_matrix[2][1]   0.000000 
_atom_sites.fract_transf_matrix[2][2]   1.000000 
_atom_sites.fract_transf_matrix[2][3]   0.000000 
_atom_sites.fract_transf_matrix[3][1]   0.000000 
_atom_sites.fract_transf_matrix[3][2]   0.000000 
_atom_sites.fract_transf_matrix[3][3]   1.000000 
_atom_sites.fract_transf_vector[1]      0.00000 
_atom_sites.fract_transf_vector[2]      0.00000 
_atom_sites.fract_transf_vector[3]      0.00000 
# 
loop_
_atom_type.symbol 
C 
H 
N 
O 
P 
# 
loop_
_atom_site.group_PDB 
_atom_site.id 
_atom_site.type_symbol 
_atom_site.label_atom_id 
_atom_site.label_alt_id 
_atom_site.label_comp_id 
_atom_site.label_asym_id 
_atom_site.label_entity_id 
_atom_site.label_seq_id 
_atom_site.pdbx_PDB_ins_code 
_atom_site.Cartn_x 
_atom_site.Cartn_y 
_atom_site.Cartn_z 
_atom_site.occupancy 
_atom_site.B_iso_or_equiv 
_atom_site.pdbx_formal_charge 
_atom_site.auth_seq_id 
_atom_site.auth_comp_id 
_atom_site.auth_asym_id 
_atom_site.auth_atom_id 
_atom_site.pdbx_PDB_model_num 
ATOM 1   O "O5'"  . DG A 1 1  ? 4.595   -19.578 -3.858  1.00 1.36 ? 1  DG A "O5'"  1 
ATOM 2   C "C5'"  . DG A 1 1  ? 4.680   -20.426 -2.709  1.00 1.34 ? 1  DG A "C5'"  1 
ATOM 3   C "C4'"  . DG A 1 1  ? 4.757   -19.616 -1.417  1.00 1.12 ? 1  DG A "C4'"  1 
ATOM 4   O "O4'"  . DG A 1 1  ? 5.950   -18.799 -1.398  1.00 1.08 ? 1  DG A "O4'"  1 
ATOM 5   C "C3'"  . DG A 1 1  ? 3.548   -18.700 -1.271  1.00 0.98 ? 1  DG A "C3'"  1 
ATOM 6   O "O3'"  . DG A 1 1  ? 2.849   -18.988 -0.048  1.00 0.87 ? 1  DG A "O3'"  1 
ATOM 7   C "C2'"  . DG A 1 1  ? 4.102   -17.296 -1.282  1.00 0.85 ? 1  DG A "C2'"  1 
ATOM 8   C "C1'"  . DG A 1 1  ? 5.607   -17.427 -1.130  1.00 0.90 ? 1  DG A "C1'"  1 
ATOM 9   N N9     . DG A 1 1  ? 6.319   -16.516 -2.048  1.00 0.92 ? 1  DG A N9     1 
ATOM 10  C C8     . DG A 1 1  ? 6.284   -16.444 -3.403  1.00 0.99 ? 1  DG A C8     1 
ATOM 11  N N7     . DG A 1 1  ? 7.030   -15.558 -3.973  1.00 0.99 ? 1  DG A N7     1 
ATOM 12  C C5     . DG A 1 1  ? 7.646   -14.953 -2.873  1.00 0.91 ? 1  DG A C5     1 
ATOM 13  C C6     . DG A 1 1  ? 8.592   -13.895 -2.828  1.00 0.88 ? 1  DG A C6     1 
ATOM 14  O O6     . DG A 1 1  ? 9.083   -13.267 -3.764  1.00 0.90 ? 1  DG A O6     1 
ATOM 15  N N1     . DG A 1 1  ? 8.953   -13.591 -1.522  1.00 0.84 ? 1  DG A N1     1 
ATOM 16  C C2     . DG A 1 1  ? 8.470   -14.225 -0.395  1.00 0.81 ? 1  DG A C2     1 
ATOM 17  N N2     . DG A 1 1  ? 8.926   -13.780 0.775   1.00 0.81 ? 1  DG A N2     1 
ATOM 18  N N3     . DG A 1 1  ? 7.581   -15.220 -0.429  1.00 0.82 ? 1  DG A N3     1 
ATOM 19  C C4     . DG A 1 1  ? 7.214   -15.536 -1.692  1.00 0.87 ? 1  DG A C4     1 
ATOM 20  H "H5'"  . DG A 1 1  ? 5.575   -21.046 -2.792  1.00 1.45 ? 1  DG A "H5'"  1 
ATOM 21  H "H5''" . DG A 1 1  ? 3.803   -21.068 -2.677  1.00 1.39 ? 1  DG A "H5''" 1 
ATOM 22  H "H4'"  . DG A 1 1  ? 4.787   -20.302 -0.570  1.00 1.13 ? 1  DG A "H4'"  1 
ATOM 23  H "H3'"  . DG A 1 1  ? 2.880   -18.837 -2.128  1.00 1.08 ? 1  DG A "H3'"  1 
ATOM 24  H "H2'"  . DG A 1 1  ? 3.865   -16.814 -2.232  1.00 0.90 ? 1  DG A "H2'"  1 
ATOM 25  H "H2''" . DG A 1 1  ? 3.691   -16.719 -0.457  1.00 0.71 ? 1  DG A "H2''" 1 
ATOM 26  H "H1'"  . DG A 1 1  ? 5.881   -17.184 -0.103  1.00 0.82 ? 1  DG A "H1'"  1 
ATOM 27  H H8     . DG A 1 1  ? 5.648   -17.106 -3.988  1.00 1.06 ? 1  DG A H8     1 
ATOM 28  H H1     . DG A 1 1  ? 9.631   -12.852 -1.415  1.00 0.83 ? 1  DG A H1     1 
ATOM 29  H H21    . DG A 1 1  ? 9.597   -13.026 0.802   1.00 0.82 ? 1  DG A H21    1 
ATOM 30  H H22    . DG A 1 1  ? 8.602   -14.200 1.635   1.00 0.80 ? 1  DG A H22    1 
ATOM 31  H "HO5'" . DG A 1 1  ? 5.234   -18.865 -3.735  1.00 1.42 ? 1  DG A "HO5'" 1 
ATOM 32  P P      . DG A 1 2  ? 1.722   -17.987 0.527   1.00 0.50 ? 2  DG A P      1 
ATOM 33  O OP1    . DG A 1 2  ? 0.899   -18.725 1.512   1.00 1.51 ? 2  DG A OP1    1 
ATOM 34  O OP2    . DG A 1 2  ? 1.072   -17.315 -0.617  1.00 0.84 ? 2  DG A OP2    1 
ATOM 35  O "O5'"  . DG A 1 2  ? 2.597   -16.892 1.322   1.00 0.41 ? 2  DG A "O5'"  1 
ATOM 36  C "C5'"  . DG A 1 2  ? 3.327   -17.259 2.500   1.00 0.44 ? 2  DG A "C5'"  1 
ATOM 37  C "C4'"  . DG A 1 2  ? 3.847   -16.036 3.235   1.00 0.39 ? 2  DG A "C4'"  1 
ATOM 38  O "O4'"  . DG A 1 2  ? 4.868   -15.373 2.466   1.00 0.40 ? 2  DG A "O4'"  1 
ATOM 39  C "C3'"  . DG A 1 2  ? 2.734   -15.046 3.529   1.00 0.29 ? 2  DG A "C3'"  1 
ATOM 40  O "O3'"  . DG A 1 2  ? 2.582   -14.997 4.966   1.00 0.37 ? 2  DG A "O3'"  1 
ATOM 41  C "C2'"  . DG A 1 2  ? 3.177   -13.734 2.892   1.00 0.25 ? 2  DG A "C2'"  1 
ATOM 42  C "C1'"  . DG A 1 2  ? 4.599   -13.965 2.377   1.00 0.32 ? 2  DG A "C1'"  1 
ATOM 43  N N9     . DG A 1 2  ? 4.783   -13.499 0.980   1.00 0.32 ? 2  DG A N9     1 
ATOM 44  C C8     . DG A 1 2  ? 4.093   -13.813 -0.148  1.00 0.36 ? 2  DG A C8     1 
ATOM 45  N N7     . DG A 1 2  ? 4.444   -13.229 -1.247  1.00 0.41 ? 2  DG A N7     1 
ATOM 46  C C5     . DG A 1 2  ? 5.505   -12.426 -0.820  1.00 0.36 ? 2  DG A C5     1 
ATOM 47  C C6     . DG A 1 2  ? 6.323   -11.526 -1.555  1.00 0.38 ? 2  DG A C6     1 
ATOM 48  O O6     . DG A 1 2  ? 6.266   -11.244 -2.751  1.00 0.44 ? 2  DG A O6     1 
ATOM 49  N N1     . DG A 1 2  ? 7.271   -10.921 -0.743  1.00 0.35 ? 2  DG A N1     1 
ATOM 50  C C2     . DG A 1 2  ? 7.421   -11.147 0.610   1.00 0.36 ? 2  DG A C2     1 
ATOM 51  N N2     . DG A 1 2  ? 8.396   -10.479 1.222   1.00 0.41 ? 2  DG A N2     1 
ATOM 52  N N3     . DG A 1 2  ? 6.652   -11.986 1.310   1.00 0.35 ? 2  DG A N3     1 
ATOM 53  C C4     . DG A 1 2  ? 5.718   -12.587 0.542   1.00 0.33 ? 2  DG A C4     1 
ATOM 54  H "H5'"  . DG A 1 2  ? 4.175   -17.880 2.218   1.00 0.56 ? 2  DG A "H5'"  1 
ATOM 55  H "H5''" . DG A 1 2  ? 2.675   -17.825 3.167   1.00 0.43 ? 2  DG A "H5''" 1 
ATOM 56  H "H4'"  . DG A 1 2  ? 4.278   -16.352 4.186   1.00 0.46 ? 2  DG A "H4'"  1 
ATOM 57  H "H3'"  . DG A 1 2  ? 1.806   -15.373 3.056   1.00 0.25 ? 2  DG A "H3'"  1 
ATOM 58  H "H2'"  . DG A 1 2  ? 2.516   -13.488 2.059   1.00 0.22 ? 2  DG A "H2'"  1 
ATOM 59  H "H2''" . DG A 1 2  ? 3.165   -12.922 3.623   1.00 0.26 ? 2  DG A "H2''" 1 
ATOM 60  H "H1'"  . DG A 1 2  ? 5.297   -13.431 3.020   1.00 0.34 ? 2  DG A "H1'"  1 
ATOM 61  H H8     . DG A 1 2  ? 3.285   -14.542 -0.132  1.00 0.38 ? 2  DG A H8     1 
ATOM 62  H H1     . DG A 1 2  ? 7.888   -10.265 -1.201  1.00 0.36 ? 2  DG A H1     1 
ATOM 63  H H21    . DG A 1 2  ? 8.973   -9.835  0.699   1.00 0.42 ? 2  DG A H21    1 
ATOM 64  H H22    . DG A 1 2  ? 8.556   -10.614 2.210   1.00 0.47 ? 2  DG A H22    1 
ATOM 65  P P      . DC A 1 3  ? 1.971   -13.738 5.766   1.00 0.38 ? 3  DC A P      1 
ATOM 66  O OP1    . DC A 1 3  ? 1.995   -14.042 7.228   1.00 1.47 ? 3  DC A OP1    1 
ATOM 67  O OP2    . DC A 1 3  ? 0.703   -13.369 5.108   1.00 1.16 ? 3  DC A OP2    1 
ATOM 68  O "O5'"  . DC A 1 3  ? 3.058   -12.568 5.517   1.00 0.38 ? 3  DC A "O5'"  1 
ATOM 69  C "C5'"  . DC A 1 3  ? 4.268   -12.540 6.285   1.00 0.43 ? 3  DC A "C5'"  1 
ATOM 70  C "C4'"  . DC A 1 3  ? 5.054   -11.228 6.118   1.00 0.44 ? 3  DC A "C4'"  1 
ATOM 71  O "O4'"  . DC A 1 3  ? 5.500   -11.100 4.754   1.00 0.37 ? 3  DC A "O4'"  1 
ATOM 72  C "C3'"  . DC A 1 3  ? 4.212   -9.986  6.467   1.00 0.46 ? 3  DC A "C3'"  1 
ATOM 73  O "O3'"  . DC A 1 3  ? 4.779   -9.220  7.553   1.00 0.53 ? 3  DC A "O3'"  1 
ATOM 74  C "C2'"  . DC A 1 3  ? 4.196   -9.152  5.212   1.00 0.43 ? 3  DC A "C2'"  1 
ATOM 75  C "C1'"  . DC A 1 3  ? 5.180   -9.786  4.254   1.00 0.37 ? 3  DC A "C1'"  1 
ATOM 76  N N1     . DC A 1 3  ? 4.600   -9.842  2.909   1.00 0.32 ? 3  DC A N1     1 
ATOM 77  C C2     . DC A 1 3  ? 5.304   -9.229  1.889   1.00 0.30 ? 3  DC A C2     1 
ATOM 78  O O2     . DC A 1 3  ? 6.394   -8.710  2.111   1.00 0.32 ? 3  DC A O2     1 
ATOM 79  N N3     . DC A 1 3  ? 4.748   -9.203  0.652   1.00 0.30 ? 3  DC A N3     1 
ATOM 80  C C4     . DC A 1 3  ? 3.555   -9.761  0.423   1.00 0.31 ? 3  DC A C4     1 
ATOM 81  N N4     . DC A 1 3  ? 3.038   -9.699  -0.799  1.00 0.35 ? 3  DC A N4     1 
ATOM 82  C C5     . DC A 1 3  ? 2.822   -10.398 1.474   1.00 0.31 ? 3  DC A C5     1 
ATOM 83  C C6     . DC A 1 3  ? 3.383   -10.422 2.693   1.00 0.31 ? 3  DC A C6     1 
ATOM 84  H "H5'"  . DC A 1 3  ? 4.895   -13.365 5.952   1.00 0.43 ? 3  DC A "H5'"  1 
ATOM 85  H "H5''" . DC A 1 3  ? 4.025   -12.687 7.341   1.00 0.49 ? 3  DC A "H5''" 1 
ATOM 86  H "H4'"  . DC A 1 3  ? 5.921   -11.259 6.767   1.00 0.48 ? 3  DC A "H4'"  1 
ATOM 87  H "H3'"  . DC A 1 3  ? 3.194   -10.289 6.713   1.00 0.46 ? 3  DC A "H3'"  1 
ATOM 88  H "H2'"  . DC A 1 3  ? 3.198   -9.164  4.776   1.00 0.43 ? 3  DC A "H2'"  1 
ATOM 89  H "H2''" . DC A 1 3  ? 4.497   -8.125  5.425   1.00 0.48 ? 3  DC A "H2''" 1 
ATOM 90  H "H1'"  . DC A 1 3  ? 6.092   -9.188  4.226   1.00 0.38 ? 3  DC A "H1'"  1 
ATOM 91  H H41    . DC A 1 3  ? 3.555   -9.250  -1.540  1.00 0.36 ? 3  DC A H41    1 
ATOM 92  H H42    . DC A 1 3  ? 2.134   -10.106 -0.986  1.00 0.38 ? 3  DC A H42    1 
ATOM 93  H H5     . DC A 1 3  ? 1.842   -10.837 1.295   1.00 0.33 ? 3  DC A H5     1 
ATOM 94  H H6     . DC A 1 3  ? 2.860   -10.906 3.519   1.00 0.32 ? 3  DC A H6     1 
ATOM 95  P P      . DA A 1 4  ? 3.884   -8.132  8.349   1.00 0.58 ? 4  DA A P      1 
ATOM 96  O OP1    . DA A 1 4  ? 4.242   -6.912  9.121   1.00 0.84 ? 4  DA A OP1    1 
ATOM 97  O OP2    . DA A 1 4  ? 4.160   -9.117  9.415   1.00 1.82 ? 4  DA A OP2    1 
ATOM 98  O "O5'"  . DA A 1 4  ? 4.890   -7.413  7.285   1.00 0.54 ? 4  DA A "O5'"  1 
ATOM 99  C "C5'"  . DA A 1 4  ? 6.206   -7.003  7.692   1.00 0.53 ? 4  DA A "C5'"  1 
ATOM 100 C "C4'"  . DA A 1 4  ? 6.702   -5.707  7.025   1.00 0.50 ? 4  DA A "C4'"  1 
ATOM 101 O "O4'"  . DA A 1 4  ? 6.699   -5.823  5.588   1.00 0.45 ? 4  DA A "O4'"  1 
ATOM 102 C "C3'"  . DA A 1 4  ? 5.910   -4.454  7.411   1.00 0.54 ? 4  DA A "C3'"  1 
ATOM 103 O "O3'"  . DA A 1 4  ? 6.836   -3.594  8.127   1.00 0.54 ? 4  DA A "O3'"  1 
ATOM 104 C "C2'"  . DA A 1 4  ? 5.391   -3.868  6.102   1.00 0.51 ? 4  DA A "C2'"  1 
ATOM 105 C "C1'"  . DA A 1 4  ? 5.935   -4.756  4.982   1.00 0.46 ? 4  DA A "C1'"  1 
ATOM 106 N N9     . DA A 1 4  ? 4.849   -5.330  4.158   1.00 0.45 ? 4  DA A N9     1 
ATOM 107 C C8     . DA A 1 4  ? 3.754   -6.030  4.542   1.00 0.46 ? 4  DA A C8     1 
ATOM 108 N N7     . DA A 1 4  ? 2.946   -6.436  3.620   1.00 0.45 ? 4  DA A N7     1 
ATOM 109 C C5     . DA A 1 4  ? 3.570   -5.955  2.465   1.00 0.44 ? 4  DA A C5     1 
ATOM 110 C C6     . DA A 1 4  ? 3.236   -6.029  1.108   1.00 0.42 ? 4  DA A C6     1 
ATOM 111 N N6     . DA A 1 4  ? 2.135   -6.634  0.658   1.00 0.43 ? 4  DA A N6     1 
ATOM 112 N N1     . DA A 1 4  ? 4.075   -5.447  0.234   1.00 0.41 ? 4  DA A N1     1 
ATOM 113 C C2     . DA A 1 4  ? 5.173   -4.822  0.663   1.00 0.41 ? 4  DA A C2     1 
ATOM 114 N N3     . DA A 1 4  ? 5.582   -4.688  1.922   1.00 0.42 ? 4  DA A N3     1 
ATOM 115 C C4     . DA A 1 4  ? 4.729   -5.279  2.781   1.00 0.44 ? 4  DA A C4     1 
ATOM 116 H "H5'"  . DA A 1 4  ? 6.910   -7.802  7.455   1.00 0.52 ? 4  DA A "H5'"  1 
ATOM 117 H "H5''" . DA A 1 4  ? 6.191   -6.866  8.773   1.00 0.57 ? 4  DA A "H5''" 1 
ATOM 118 H "H4'"  . DA A 1 4  ? 7.728   -5.547  7.346   1.00 0.50 ? 4  DA A "H4'"  1 
ATOM 119 H "H3'"  . DA A 1 4  ? 5.061   -4.717  8.047   1.00 0.58 ? 4  DA A "H3'"  1 
ATOM 120 H "H2'"  . DA A 1 4  ? 4.298   -3.886  6.093   1.00 0.54 ? 4  DA A "H2'"  1 
ATOM 121 H "H2''" . DA A 1 4  ? 5.742   -2.843  5.971   1.00 0.52 ? 4  DA A "H2''" 1 
ATOM 122 H "H1'"  . DA A 1 4  ? 6.591   -4.165  4.346   1.00 0.43 ? 4  DA A "H1'"  1 
ATOM 123 H H8     . DA A 1 4  ? 3.571   -6.257  5.591   1.00 0.48 ? 4  DA A H8     1 
ATOM 124 H H61    . DA A 1 4  ? 1.940   -6.651  -0.335  1.00 0.42 ? 4  DA A H61    1 
ATOM 125 H H62    . DA A 1 4  ? 1.494   -7.066  1.306   1.00 0.44 ? 4  DA A H62    1 
ATOM 126 H H2     . DA A 1 4  ? 5.807   -4.377  -0.105  1.00 0.40 ? 4  DA A H2     1 
ATOM 127 P P      . DG A 1 5  ? 7.011   -1.980  7.919   1.00 0.56 ? 5  DG A P      1 
ATOM 128 O OP1    . DG A 1 5  ? 8.393   -1.592  8.336   1.00 0.73 ? 5  DG A OP1    1 
ATOM 129 O OP2    . DG A 1 5  ? 5.846   -1.335  8.562   1.00 1.47 ? 5  DG A OP2    1 
ATOM 130 O "O5'"  . DG A 1 5  ? 6.944   -1.713  6.324   1.00 0.53 ? 5  DG A "O5'"  1 
ATOM 131 C "C5'"  . DG A 1 5  ? 8.112   -1.263  5.623   1.00 0.50 ? 5  DG A "C5'"  1 
ATOM 132 C "C4'"  . DG A 1 5  ? 7.805   -0.391  4.395   1.00 0.50 ? 5  DG A "C4'"  1 
ATOM 133 O "O4'"  . DG A 1 5  ? 6.979   -1.096  3.454   1.00 0.50 ? 5  DG A "O4'"  1 
ATOM 134 C "C3'"  . DG A 1 5  ? 7.108   0.916   4.766   1.00 0.55 ? 5  DG A "C3'"  1 
ATOM 135 O "O3'"  . DG A 1 5  ? 7.933   2.032   4.372   1.00 0.63 ? 5  DG A "O3'"  1 
ATOM 136 C "C2'"  . DG A 1 5  ? 5.788   0.889   4.024   1.00 0.55 ? 5  DG A "C2'"  1 
ATOM 137 C "C1'"  . DG A 1 5  ? 5.880   -0.264  3.040   1.00 0.52 ? 5  DG A "C1'"  1 
ATOM 138 N N9     . DG A 1 5  ? 4.637   -1.046  3.003   1.00 0.52 ? 5  DG A N9     1 
ATOM 139 C C8     . DG A 1 5  ? 3.907   -1.564  4.024   1.00 0.53 ? 5  DG A C8     1 
ATOM 140 N N7     . DG A 1 5  ? 2.854   -2.245  3.720   1.00 0.53 ? 5  DG A N7     1 
ATOM 141 C C5     . DG A 1 5  ? 2.869   -2.185  2.323   1.00 0.51 ? 5  DG A C5     1 
ATOM 142 C C6     . DG A 1 5  ? 1.973   -2.747  1.375   1.00 0.51 ? 5  DG A C6     1 
ATOM 143 O O6     . DG A 1 5  ? 0.964   -3.411  1.584   1.00 0.52 ? 5  DG A O6     1 
ATOM 144 N N1     . DG A 1 5  ? 2.362   -2.452  0.071   1.00 0.50 ? 5  DG A N1     1 
ATOM 145 C C2     . DG A 1 5  ? 3.470   -1.706  -0.283  1.00 0.50 ? 5  DG A C2     1 
ATOM 146 N N2     . DG A 1 5  ? 3.666   -1.510  -1.586  1.00 0.51 ? 5  DG A N2     1 
ATOM 147 N N3     . DG A 1 5  ? 4.313   -1.173  0.607   1.00 0.51 ? 5  DG A N3     1 
ATOM 148 C C4     . DG A 1 5  ? 3.960   -1.452  1.879   1.00 0.51 ? 5  DG A C4     1 
ATOM 149 H "H5'"  . DG A 1 5  ? 8.656   -2.141  5.300   1.00 0.49 ? 5  DG A "H5'"  1 
ATOM 150 H "H5''" . DG A 1 5  ? 8.741   -0.688  6.308   1.00 0.50 ? 5  DG A "H5''" 1 
ATOM 151 H "H4'"  . DG A 1 5  ? 8.747   -0.147  3.909   1.00 0.51 ? 5  DG A "H4'"  1 
ATOM 152 H "H3'"  . DG A 1 5  ? 6.923   0.949   5.843   1.00 0.55 ? 5  DG A "H3'"  1 
ATOM 153 H "H2'"  . DG A 1 5  ? 4.972   0.714   4.727   1.00 0.55 ? 5  DG A "H2'"  1 
ATOM 154 H "H2''" . DG A 1 5  ? 5.622   1.824   3.490   1.00 0.58 ? 5  DG A "H2''" 1 
ATOM 155 H "H1'"  . DG A 1 5  ? 6.080   0.136   2.046   1.00 0.53 ? 5  DG A "H1'"  1 
ATOM 156 H H8     . DG A 1 5  ? 4.192   -1.401  5.061   1.00 0.54 ? 5  DG A H8     1 
ATOM 157 H H1     . DG A 1 5  ? 1.773   -2.825  -0.653  1.00 0.50 ? 5  DG A H1     1 
ATOM 158 H H21    . DG A 1 5  ? 3.024   -1.909  -2.257  1.00 1.24 ? 5  DG A H21    1 
ATOM 159 H H22    . DG A 1 5  ? 4.457   -0.976  -1.903  1.00 0.72 ? 5  DG A H22    1 
ATOM 160 P P      . DG A 1 6  ? 7.326   3.506   4.119   1.00 0.48 ? 6  DG A P      1 
ATOM 161 O OP1    . DG A 1 6  ? 8.445   4.472   4.065   1.00 0.98 ? 6  DG A OP1    1 
ATOM 162 O OP2    . DG A 1 6  ? 6.213   3.720   5.067   1.00 1.39 ? 6  DG A OP2    1 
ATOM 163 O "O5'"  . DG A 1 6  ? 6.707   3.374   2.642   1.00 0.51 ? 6  DG A "O5'"  1 
ATOM 164 C "C5'"  . DG A 1 6  ? 7.559   3.229   1.500   1.00 0.45 ? 6  DG A "C5'"  1 
ATOM 165 C "C4'"  . DG A 1 6  ? 6.804   3.554   0.222   1.00 0.50 ? 6  DG A "C4'"  1 
ATOM 166 O "O4'"  . DG A 1 6  ? 5.756   2.586   -0.005  1.00 0.56 ? 6  DG A "O4'"  1 
ATOM 167 C "C3'"  . DG A 1 6  ? 6.169   4.932   0.327   1.00 0.52 ? 6  DG A "C3'"  1 
ATOM 168 O "O3'"  . DG A 1 6  ? 6.550   5.752   -0.783  1.00 0.53 ? 6  DG A "O3'"  1 
ATOM 169 C "C2'"  . DG A 1 6  ? 4.682   4.686   0.362   1.00 0.53 ? 6  DG A "C2'"  1 
ATOM 170 C "C1'"  . DG A 1 6  ? 4.472   3.242   -0.056  1.00 0.55 ? 6  DG A "C1'"  1 
ATOM 171 N N9     . DG A 1 6  ? 3.502   2.568   0.829   1.00 0.56 ? 6  DG A N9     1 
ATOM 172 C C8     . DG A 1 6  ? 3.405   2.583   2.183   1.00 0.56 ? 6  DG A C8     1 
ATOM 173 N N7     . DG A 1 6  ? 2.464   1.883   2.722   1.00 0.57 ? 6  DG A N7     1 
ATOM 174 C C5     . DG A 1 6  ? 1.846   1.326   1.599   1.00 0.58 ? 6  DG A C5     1 
ATOM 175 C C6     . DG A 1 6  ? 0.733   0.450   1.517   1.00 0.60 ? 6  DG A C6     1 
ATOM 176 O O6     . DG A 1 6  ? 0.067   -0.026  2.432   1.00 0.60 ? 6  DG A O6     1 
ATOM 177 N N1     . DG A 1 6  ? 0.431   0.134   0.200   1.00 0.61 ? 6  DG A N1     1 
ATOM 178 C C2     . DG A 1 6  ? 1.113   0.598   -0.908  1.00 0.60 ? 6  DG A C2     1 
ATOM 179 N N2     . DG A 1 6  ? 0.668   0.183   -2.093  1.00 0.62 ? 6  DG A N2     1 
ATOM 180 N N3     . DG A 1 6  ? 2.162   1.420   -0.839  1.00 0.59 ? 6  DG A N3     1 
ATOM 181 C C4     . DG A 1 6  ? 2.475   1.743   0.436   1.00 0.58 ? 6  DG A C4     1 
ATOM 182 H "H5'"  . DG A 1 6  ? 7.923   2.204   1.450   1.00 0.43 ? 6  DG A "H5'"  1 
ATOM 183 H "H5''" . DG A 1 6  ? 8.411   3.907   1.595   1.00 0.41 ? 6  DG A "H5''" 1 
ATOM 184 H "H4'"  . DG A 1 6  ? 7.496   3.538   -0.623  1.00 0.47 ? 6  DG A "H4'"  1 
ATOM 185 H "H3'"  . DG A 1 6  ? 6.481   5.405   1.257   1.00 0.53 ? 6  DG A "H3'"  1 
ATOM 186 H "H2'"  . DG A 1 6  ? 4.312   4.832   1.376   1.00 0.52 ? 6  DG A "H2'"  1 
ATOM 187 H "H2''" . DG A 1 6  ? 4.163   5.356   -0.324  1.00 0.52 ? 6  DG A "H2''" 1 
ATOM 188 H "H1'"  . DG A 1 6  ? 4.100   3.215   -1.082  1.00 0.56 ? 6  DG A "H1'"  1 
ATOM 189 H H8     . DG A 1 6  ? 4.091   3.169   2.794   1.00 0.55 ? 6  DG A H8     1 
ATOM 190 H H1     . DG A 1 6  ? -0.359  -0.478  0.066   1.00 0.62 ? 6  DG A H1     1 
ATOM 191 H H21    . DG A 1 6  ? -0.126  -0.439  -2.144  1.00 0.63 ? 6  DG A H21    1 
ATOM 192 H H22    . DG A 1 6  ? 1.125   0.490   -2.940  1.00 0.62 ? 6  DG A H22    1 
ATOM 193 P P      . DT A 1 7  ? 5.785   7.128   -1.117  1.00 0.52 ? 7  DT A P      1 
ATOM 194 O OP1    . DT A 1 7  ? 6.694   7.986   -1.914  1.00 1.72 ? 7  DT A OP1    1 
ATOM 195 O OP2    . DT A 1 7  ? 5.191   7.645   0.140   1.00 0.92 ? 7  DT A OP2    1 
ATOM 196 O "O5'"  . DT A 1 7  ? 4.583   6.625   -2.066  1.00 0.51 ? 7  DT A "O5'"  1 
ATOM 197 C "C5'"  . DT A 1 7  ? 4.845   6.024   -3.336  1.00 0.55 ? 7  DT A "C5'"  1 
ATOM 198 C "C4'"  . DT A 1 7  ? 3.556   5.639   -4.057  1.00 0.56 ? 7  DT A "C4'"  1 
ATOM 199 O "O4'"  . DT A 1 7  ? 2.840   4.626   -3.320  1.00 0.58 ? 7  DT A "O4'"  1 
ATOM 200 C "C3'"  . DT A 1 7  ? 2.645   6.845   -4.228  1.00 0.51 ? 7  DT A "C3'"  1 
ATOM 201 O "O3'"  . DT A 1 7  ? 2.463   7.131   -5.622  1.00 0.52 ? 7  DT A "O3'"  1 
ATOM 202 C "C2'"  . DT A 1 7  ? 1.346   6.473   -3.553  1.00 0.49 ? 7  DT A "C2'"  1 
ATOM 203 C "C1'"  . DT A 1 7  ? 1.461   5.008   -3.158  1.00 0.54 ? 7  DT A "C1'"  1 
ATOM 204 N N1     . DT A 1 7  ? 1.021   4.790   -1.761  1.00 0.52 ? 7  DT A N1     1 
ATOM 205 C C2     . DT A 1 7  ? 0.081   3.802   -1.533  1.00 0.54 ? 7  DT A C2     1 
ATOM 206 O O2     . DT A 1 7  ? -0.420  3.145   -2.447  1.00 0.56 ? 7  DT A O2     1 
ATOM 207 N N3     . DT A 1 7  ? -0.275  3.599   -0.215  1.00 0.53 ? 7  DT A N3     1 
ATOM 208 C C4     . DT A 1 7  ? 0.216   4.284   0.879   1.00 0.51 ? 7  DT A C4     1 
ATOM 209 O O4     . DT A 1 7  ? -0.166  4.006   2.015   1.00 0.51 ? 7  DT A O4     1 
ATOM 210 C C5     . DT A 1 7  ? 1.186   5.300   0.545   1.00 0.49 ? 7  DT A C5     1 
ATOM 211 C C7     . DT A 1 7  ? 1.799   6.151   1.654   1.00 0.47 ? 7  DT A C7     1 
ATOM 212 C C6     . DT A 1 7  ? 1.552   5.518   -0.733  1.00 0.50 ? 7  DT A C6     1 
ATOM 213 H "H5'"  . DT A 1 7  ? 5.445   5.125   -3.188  1.00 0.58 ? 7  DT A "H5'"  1 
ATOM 214 H "H5''" . DT A 1 7  ? 5.397   6.728   -3.953  1.00 0.53 ? 7  DT A "H5''" 1 
ATOM 215 H "H4'"  . DT A 1 7  ? 3.809   5.247   -5.039  1.00 0.59 ? 7  DT A "H4'"  1 
ATOM 216 H "H3'"  . DT A 1 7  ? 3.086   7.709   -3.720  1.00 0.48 ? 7  DT A "H3'"  1 
ATOM 217 H "H2'"  . DT A 1 7  ? 1.206   7.089   -2.665  1.00 0.44 ? 7  DT A "H2'"  1 
ATOM 218 H "H2''" . DT A 1 7  ? 0.514   6.611   -4.241  1.00 0.48 ? 7  DT A "H2''" 1 
ATOM 219 H "H1'"  . DT A 1 7  ? 0.842   4.411   -3.826  1.00 0.57 ? 7  DT A "H1'"  1 
ATOM 220 H H3     . DT A 1 7  ? -0.971  2.886   -0.032  1.00 0.54 ? 7  DT A H3     1 
ATOM 221 H H71    . DT A 1 7  ? 1.370   7.152   1.622   1.00 0.58 ? 7  DT A H71    1 
ATOM 222 H H72    . DT A 1 7  ? 2.876   6.215   1.510   1.00 0.40 ? 7  DT A H72    1 
ATOM 223 H H73    . DT A 1 7  ? 1.588   5.696   2.621   1.00 0.44 ? 7  DT A H73    1 
ATOM 224 H H6     . DT A 1 7  ? 2.286   6.299   -0.951  1.00 0.48 ? 7  DT A H6     1 
ATOM 225 P P      . DG A 1 8  ? 1.418   8.253   -6.120  1.00 0.65 ? 8  DG A P      1 
ATOM 226 O OP1    . DG A 1 8  ? 1.783   8.651   -7.497  1.00 1.32 ? 8  DG A OP1    1 
ATOM 227 O OP2    . DG A 1 8  ? 1.302   9.283   -5.066  1.00 1.29 ? 8  DG A OP2    1 
ATOM 228 O "O5'"  . DG A 1 8  ? 0.034   7.437   -6.184  1.00 0.62 ? 8  DG A "O5'"  1 
ATOM 229 C "C5'"  . DG A 1 8  ? -0.143  6.401   -7.156  1.00 0.71 ? 8  DG A "C5'"  1 
ATOM 230 C "C4'"  . DG A 1 8  ? -1.587  5.916   -7.214  1.00 0.69 ? 8  DG A "C4'"  1 
ATOM 231 O "O4'"  . DG A 1 8  ? -1.995  5.361   -5.947  1.00 0.63 ? 8  DG A "O4'"  1 
ATOM 232 C "C3'"  . DG A 1 8  ? -2.535  7.051   -7.575  1.00 0.65 ? 8  DG A "C3'"  1 
ATOM 233 O "O3'"  . DG A 1 8  ? -3.227  6.696   -8.795  1.00 0.73 ? 8  DG A "O3'"  1 
ATOM 234 C "C2'"  . DG A 1 8  ? -3.440  7.229   -6.368  1.00 0.52 ? 8  DG A "C2'"  1 
ATOM 235 C "C1'"  . DG A 1 8  ? -3.113  6.091   -5.403  1.00 0.52 ? 8  DG A "C1'"  1 
ATOM 236 N N9     . DG A 1 8  ? -2.781  6.570   -4.038  1.00 0.43 ? 8  DG A N9     1 
ATOM 237 C C8     . DG A 1 8  ? -1.811  7.428   -3.626  1.00 0.39 ? 8  DG A C8     1 
ATOM 238 N N7     . DG A 1 8  ? -1.640  7.575   -2.353  1.00 0.33 ? 8  DG A N7     1 
ATOM 239 C C5     . DG A 1 8  ? -2.612  6.720   -1.832  1.00 0.34 ? 8  DG A C5     1 
ATOM 240 C C6     . DG A 1 8  ? -2.935  6.427   -0.479  1.00 0.35 ? 8  DG A C6     1 
ATOM 241 O O6     . DG A 1 8  ? -2.408  6.860   0.544   1.00 0.35 ? 8  DG A O6     1 
ATOM 242 N N1     . DG A 1 8  ? -3.979  5.518   -0.390  1.00 0.38 ? 8  DG A N1     1 
ATOM 243 C C2     . DG A 1 8  ? -4.637  4.952   -1.464  1.00 0.40 ? 8  DG A C2     1 
ATOM 244 N N2     . DG A 1 8  ? -5.627  4.108   -1.173  1.00 0.42 ? 8  DG A N2     1 
ATOM 245 N N3     . DG A 1 8  ? -4.338  5.217   -2.739  1.00 0.41 ? 8  DG A N3     1 
ATOM 246 C C4     . DG A 1 8  ? -3.320  6.104   -2.854  1.00 0.39 ? 8  DG A C4     1 
ATOM 247 H "H5'"  . DG A 1 8  ? 0.503   5.558   -6.902  1.00 0.76 ? 8  DG A "H5'"  1 
ATOM 248 H "H5''" . DG A 1 8  ? 0.143   6.781   -8.138  1.00 0.77 ? 8  DG A "H5''" 1 
ATOM 249 H "H4'"  . DG A 1 8  ? -1.665  5.139   -7.976  1.00 0.77 ? 8  DG A "H4'"  1 
ATOM 250 H "H3'"  . DG A 1 8  ? -1.963  7.964   -7.730  1.00 0.65 ? 8  DG A "H3'"  1 
ATOM 251 H "H2'"  . DG A 1 8  ? -3.237  8.191   -5.894  1.00 0.46 ? 8  DG A "H2'"  1 
ATOM 252 H "H2''" . DG A 1 8  ? -4.488  7.177   -6.663  1.00 0.51 ? 8  DG A "H2''" 1 
ATOM 253 H "H1'"  . DG A 1 8  ? -3.972  5.425   -5.343  1.00 0.52 ? 8  DG A "H1'"  1 
ATOM 254 H H8     . DG A 1 8  ? -1.199  7.974   -4.342  1.00 0.41 ? 8  DG A H8     1 
ATOM 255 H H1     . DG A 1 8  ? -4.262  5.262   0.546   1.00 0.40 ? 8  DG A H1     1 
ATOM 256 H H21    . DG A 1 8  ? -5.853  3.907   -0.210  1.00 0.43 ? 8  DG A H21    1 
ATOM 257 H H22    . DG A 1 8  ? -6.150  3.670   -1.917  1.00 0.44 ? 8  DG A H22    1 
ATOM 258 P P      . DG A 1 9  ? -4.789  6.978   -9.091  1.00 0.51 ? 9  DG A P      1 
ATOM 259 O OP1    . DG A 1 9  ? -5.216  6.027   -10.146 1.00 1.29 ? 9  DG A OP1    1 
ATOM 260 O OP2    . DG A 1 9  ? -4.985  8.435   -9.287  1.00 0.61 ? 9  DG A OP2    1 
ATOM 261 O "O5'"  . DG A 1 9  ? -5.508  6.546   -7.723  1.00 0.46 ? 9  DG A "O5'"  1 
ATOM 262 C "C5'"  . DG A 1 9  ? -6.130  5.271   -7.582  1.00 0.42 ? 9  DG A "C5'"  1 
ATOM 263 C "C4'"  . DG A 1 9  ? -7.257  5.329   -6.558  1.00 0.33 ? 9  DG A "C4'"  1 
ATOM 264 O "O4'"  . DG A 1 9  ? -6.732  5.638   -5.249  1.00 0.37 ? 9  DG A "O4'"  1 
ATOM 265 C "C3'"  . DG A 1 9  ? -8.275  6.409   -6.927  1.00 0.31 ? 9  DG A "C3'"  1 
ATOM 266 O "O3'"  . DG A 1 9  ? -9.578  5.829   -7.097  1.00 0.28 ? 9  DG A "O3'"  1 
ATOM 267 C "C2'"  . DG A 1 9  ? -8.232  7.404   -5.789  1.00 0.28 ? 9  DG A "C2'"  1 
ATOM 268 C "C1'"  . DG A 1 9  ? -7.471  6.726   -4.666  1.00 0.27 ? 9  DG A "C1'"  1 
ATOM 269 N N9     . DG A 1 9  ? -6.567  7.673   -3.983  1.00 0.29 ? 9  DG A N9     1 
ATOM 270 C C8     . DG A 1 9  ? -5.720  8.599   -4.498  1.00 0.35 ? 9  DG A C8     1 
ATOM 271 N N7     . DG A 1 9  ? -5.015  9.292   -3.668  1.00 0.37 ? 9  DG A N7     1 
ATOM 272 C C5     . DG A 1 9  ? -5.435  8.774   -2.439  1.00 0.32 ? 9  DG A C5     1 
ATOM 273 C C6     . DG A 1 9  ? -5.031  9.118   -1.123  1.00 0.34 ? 9  DG A C6     1 
ATOM 274 O O6     . DG A 1 9  ? -4.204  9.954   -0.770  1.00 0.36 ? 9  DG A O6     1 
ATOM 275 N N1     . DG A 1 9  ? -5.701  8.360   -0.173  1.00 0.34 ? 9  DG A N1     1 
ATOM 276 C C2     . DG A 1 9  ? -6.641  7.388   -0.447  1.00 0.35 ? 9  DG A C2     1 
ATOM 277 N N2     . DG A 1 9  ? -7.182  6.777   0.605   1.00 0.41 ? 9  DG A N2     1 
ATOM 278 N N3     . DG A 1 9  ? -7.024  7.057   -1.681  1.00 0.32 ? 9  DG A N3     1 
ATOM 279 C C4     . DG A 1 9  ? -6.385  7.783   -2.626  1.00 0.30 ? 9  DG A C4     1 
ATOM 280 H "H5'"  . DG A 1 9  ? -5.386  4.545   -7.252  1.00 0.47 ? 9  DG A "H5'"  1 
ATOM 281 H "H5''" . DG A 1 9  ? -6.534  4.957   -8.545  1.00 0.46 ? 9  DG A "H5''" 1 
ATOM 282 H "H4'"  . DG A 1 9  ? -7.760  4.362   -6.518  1.00 0.31 ? 9  DG A "H4'"  1 
ATOM 283 H "H3'"  . DG A 1 9  ? -7.966  6.900   -7.850  1.00 0.39 ? 9  DG A "H3'"  1 
ATOM 284 H "H2'"  . DG A 1 9  ? -7.700  8.301   -6.107  1.00 0.34 ? 9  DG A "H2'"  1 
ATOM 285 H "H2''" . DG A 1 9  ? -9.237  7.665   -5.460  1.00 0.29 ? 9  DG A "H2''" 1 
ATOM 286 H "H1'"  . DG A 1 9  ? -8.180  6.324   -3.943  1.00 0.26 ? 9  DG A "H1'"  1 
ATOM 287 H H8     . DG A 1 9  ? -5.644  8.761   -5.574  1.00 0.39 ? 9  DG A H8     1 
ATOM 288 H H1     . DG A 1 9  ? -5.467  8.554   0.790   1.00 0.37 ? 9  DG A H1     1 
ATOM 289 H H21    . DG A 1 9  ? -6.893  7.030   1.539   1.00 0.45 ? 9  DG A H21    1 
ATOM 290 H H22    . DG A 1 9  ? -7.882  6.061   0.468   1.00 0.44 ? 9  DG A H22    1 
ATOM 291 P P      . DT A 1 10 ? -10.928 6.708   -7.020  1.00 0.42 ? 10 DT A P      1 
ATOM 292 O OP1    . DT A 1 10 ? -11.992 5.993   -7.769  1.00 1.44 ? 10 DT A OP1    1 
ATOM 293 O OP2    . DT A 1 10 ? -10.593 8.112   -7.363  1.00 1.29 ? 10 DT A OP2    1 
ATOM 294 O "O5'"  . DT A 1 10 ? -11.279 6.656   -5.447  1.00 0.45 ? 10 DT A "O5'"  1 
ATOM 295 C "C5'"  . DT A 1 10 ? -11.587 5.431   -4.782  1.00 0.52 ? 10 DT A "C5'"  1 
ATOM 296 C "C4'"  . DT A 1 10 ? -11.954 5.658   -3.315  1.00 0.61 ? 10 DT A "C4'"  1 
ATOM 297 O "O4'"  . DT A 1 10 ? -10.813 6.142   -2.559  1.00 0.55 ? 10 DT A "O4'"  1 
ATOM 298 C "C3'"  . DT A 1 10 ? -13.062 6.701   -3.190  1.00 0.70 ? 10 DT A "C3'"  1 
ATOM 299 O "O3'"  . DT A 1 10 ? -14.297 6.134   -2.798  1.00 0.86 ? 10 DT A "O3'"  1 
ATOM 300 C "C2'"  . DT A 1 10 ? -12.603 7.661   -2.134  1.00 0.68 ? 10 DT A "C2'"  1 
ATOM 301 C "C1'"  . DT A 1 10 ? -11.214 7.247   -1.715  1.00 0.59 ? 10 DT A "C1'"  1 
ATOM 302 N N1     . DT A 1 10 ? -10.279 8.382   -1.825  1.00 0.50 ? 10 DT A N1     1 
ATOM 303 C C2     . DT A 1 10 ? -9.593  8.743   -0.682  1.00 0.48 ? 10 DT A C2     1 
ATOM 304 O O2     . DT A 1 10 ? -9.786  8.195   0.401   1.00 0.54 ? 10 DT A O2     1 
ATOM 305 N N3     . DT A 1 10 ? -8.698  9.781   -0.820  1.00 0.43 ? 10 DT A N3     1 
ATOM 306 C C4     . DT A 1 10 ? -8.433  10.484  -1.978  1.00 0.43 ? 10 DT A C4     1 
ATOM 307 O O4     . DT A 1 10 ? -7.593  11.377  -1.987  1.00 0.44 ? 10 DT A O4     1 
ATOM 308 C C5     . DT A 1 10 ? -9.201  10.047  -3.120  1.00 0.44 ? 10 DT A C5     1 
ATOM 309 C C7     . DT A 1 10 ? -9.004  10.749  -4.462  1.00 0.46 ? 10 DT A C7     1 
ATOM 310 C C6     . DT A 1 10 ? -10.086 9.033   -3.016  1.00 0.46 ? 10 DT A C6     1 
ATOM 311 H "H5'"  . DT A 1 10 ? -10.724 4.766   -4.830  1.00 0.50 ? 10 DT A "H5'"  1 
ATOM 312 H "H5''" . DT A 1 10 ? -12.430 4.959   -5.286  1.00 0.58 ? 10 DT A "H5''" 1 
ATOM 313 H "H4'"  . DT A 1 10 ? -12.301 4.726   -2.884  1.00 0.70 ? 10 DT A "H4'"  1 
ATOM 314 H "H3'"  . DT A 1 10 ? -13.178 7.231   -4.144  1.00 0.68 ? 10 DT A "H3'"  1 
ATOM 315 H "H2'"  . DT A 1 10 ? -12.586 8.679   -2.536  1.00 0.66 ? 10 DT A "H2'"  1 
ATOM 316 H "H2''" . DT A 1 10 ? -13.273 7.615   -1.279  1.00 0.78 ? 10 DT A "H2''" 1 
ATOM 317 H "H1'"  . DT A 1 10 ? -11.250 6.915   -0.676  1.00 0.66 ? 10 DT A "H1'"  1 
ATOM 318 H H3     . DT A 1 10 ? -8.193  10.063  0.007   1.00 0.43 ? 10 DT A H3     1 
ATOM 319 H H71    . DT A 1 10 ? -9.967  11.089  -4.842  1.00 0.49 ? 10 DT A H71    1 
ATOM 320 H H72    . DT A 1 10 ? -8.558  10.053  -5.171  1.00 0.37 ? 10 DT A H72    1 
ATOM 321 H H73    . DT A 1 10 ? -8.343  11.605  -4.328  1.00 0.59 ? 10 DT A H73    1 
ATOM 322 H H6     . DT A 1 10 ? -10.671 8.743   -3.889  1.00 0.48 ? 10 DT A H6     1 
ATOM 323 P P      . DG A 1 11 ? -15.591 7.073   -2.572  1.00 1.02 ? 11 DG A P      1 
ATOM 324 O OP1    . DG A 1 11 ? -16.786 6.202   -2.652  1.00 1.03 ? 11 DG A OP1    1 
ATOM 325 O OP2    . DG A 1 11 ? -15.478 8.295   -3.442  1.00 2.10 ? 11 DG A OP2    1 
ATOM 326 O "O5'"  . DG A 1 11 ? -15.430 7.612   -1.044  1.00 1.06 ? 11 DG A "O5'"  1 
ATOM 327 C "C5'"  . DG A 1 11 ? -15.683 6.749   0.069   1.00 1.16 ? 11 DG A "C5'"  1 
ATOM 328 C "C4'"  . DG A 1 11 ? -15.538 7.519   1.369   1.00 1.19 ? 11 DG A "C4'"  1 
ATOM 329 O "O4'"  . DG A 1 11 ? -14.198 8.061   1.492   1.00 1.04 ? 11 DG A "O4'"  1 
ATOM 330 C "C3'"  . DG A 1 11 ? -16.521 8.692   1.410   1.00 1.28 ? 11 DG A "C3'"  1 
ATOM 331 O "O3'"  . DG A 1 11 ? -17.391 8.586   2.547   1.00 1.45 ? 11 DG A "O3'"  1 
ATOM 332 C "C2'"  . DG A 1 11 ? -15.681 9.937   1.489   1.00 1.17 ? 11 DG A "C2'"  1 
ATOM 333 C "C1'"  . DG A 1 11 ? -14.249 9.486   1.709   1.00 1.03 ? 11 DG A "C1'"  1 
ATOM 334 N N9     . DG A 1 11 ? -13.331 10.202  0.800   1.00 0.90 ? 11 DG A N9     1 
ATOM 335 C C8     . DG A 1 11 ? -13.312 10.258  -0.558  1.00 0.86 ? 11 DG A C8     1 
ATOM 336 N N7     . DG A 1 11 ? -12.386 10.967  -1.116  1.00 0.78 ? 11 DG A N7     1 
ATOM 337 C C5     . DG A 1 11 ? -11.691 11.452  -0.004  1.00 0.75 ? 11 DG A C5     1 
ATOM 338 C C6     . DG A 1 11 ? -10.557 12.302  0.060   1.00 0.68 ? 11 DG A C6     1 
ATOM 339 O O6     . DG A 1 11 ? -9.920  12.794  -0.868  1.00 0.67 ? 11 DG A O6     1 
ATOM 340 N N1     . DG A 1 11 ? -10.177 12.549  1.373   1.00 0.68 ? 11 DG A N1     1 
ATOM 341 C C2     . DG A 1 11 ? -10.809 12.045  2.493   1.00 0.73 ? 11 DG A C2     1 
ATOM 342 N N2     . DG A 1 11 ? -10.298 12.395  3.673   1.00 0.72 ? 11 DG A N2     1 
ATOM 343 N N3     . DG A 1 11 ? -11.878 11.247  2.440   1.00 0.82 ? 11 DG A N3     1 
ATOM 344 C C4     . DG A 1 11 ? -12.267 10.992  1.172   1.00 0.82 ? 11 DG A C4     1 
ATOM 345 H "H5'"  . DG A 1 11 ? -14.969 5.925   0.052   1.00 1.11 ? 11 DG A "H5'"  1 
ATOM 346 H "H5''" . DG A 1 11 ? -16.696 6.341   0.003   1.00 1.29 ? 11 DG A "H5''" 1 
ATOM 347 H "H4'"  . DG A 1 11 ? -15.732 6.856   2.204   1.00 1.28 ? 11 DG A "H4'"  1 
ATOM 348 H "H3'"  . DG A 1 11 ? -17.109 8.704   0.489   1.00 1.31 ? 11 DG A "H3'"  1 
ATOM 349 H "HO3'" . DG A 1 11 ? -18.053 7.919   2.339   1.00 1.23 ? 11 DG A "HO3'" 1 
ATOM 350 H "H2'"  . DG A 1 11 ? -15.758 10.485  0.558   1.00 1.15 ? 11 DG A "H2'"  1 
ATOM 351 H "H2''" . DG A 1 11 ? -16.013 10.554  2.323   1.00 1.22 ? 11 DG A "H2''" 1 
ATOM 352 H "H1'"  . DG A 1 11 ? -13.963 9.700   2.742   1.00 1.04 ? 11 DG A "H1'"  1 
ATOM 353 H H8     . DG A 1 11 ? -14.054 9.731   -1.156  1.00 0.91 ? 11 DG A H8     1 
ATOM 354 H H1     . DG A 1 11 ? -9.376  13.149  1.492   1.00 0.64 ? 11 DG A H1     1 
ATOM 355 H H21    . DG A 1 11 ? -9.489  13.000  3.713   1.00 0.67 ? 11 DG A H21    1 
ATOM 356 H H22    . DG A 1 11 ? -10.716 12.053  4.526   1.00 0.78 ? 11 DG A H22    1 
ATOM 357 O "O5'"  . DC B 2 1  ? -6.128  19.466  2.549   1.00 0.72 ? 12 DC B "O5'"  1 
ATOM 358 C "C5'"  . DC B 2 1  ? -6.288  19.845  3.920   1.00 0.85 ? 12 DC B "C5'"  1 
ATOM 359 C "C4'"  . DC B 2 1  ? -6.490  18.625  4.828   1.00 0.82 ? 12 DC B "C4'"  1 
ATOM 360 O "O4'"  . DC B 2 1  ? -7.458  17.728  4.240   1.00 0.86 ? 12 DC B "O4'"  1 
ATOM 361 C "C3'"  . DC B 2 1  ? -5.187  17.842  5.017   1.00 0.66 ? 12 DC B "C3'"  1 
ATOM 362 O "O3'"  . DC B 2 1  ? -4.910  17.569  6.421   1.00 0.69 ? 12 DC B "O3'"  1 
ATOM 363 C "C2'"  . DC B 2 1  ? -5.377  16.551  4.276   1.00 0.63 ? 12 DC B "C2'"  1 
ATOM 364 C "C1'"  . DC B 2 1  ? -6.858  16.438  3.989   1.00 0.73 ? 12 DC B "C1'"  1 
ATOM 365 N N1     . DC B 2 1  ? -7.095  15.996  2.601   1.00 0.70 ? 12 DC B N1     1 
ATOM 366 C C2     . DC B 2 1  ? -7.876  14.868  2.422   1.00 0.68 ? 12 DC B C2     1 
ATOM 367 O O2     . DC B 2 1  ? -8.344  14.279  3.394   1.00 0.69 ? 12 DC B O2     1 
ATOM 368 N N3     . DC B 2 1  ? -8.102  14.435  1.158   1.00 0.68 ? 12 DC B N3     1 
ATOM 369 C C4     . DC B 2 1  ? -7.585  15.076  0.105   1.00 0.70 ? 12 DC B C4     1 
ATOM 370 N N4     . DC B 2 1  ? -7.833  14.617  -1.120  1.00 0.73 ? 12 DC B N4     1 
ATOM 371 C C5     . DC B 2 1  ? -6.775  16.243  0.279   1.00 0.70 ? 12 DC B C5     1 
ATOM 372 C C6     . DC B 2 1  ? -6.557  16.668  1.539   1.00 0.70 ? 12 DC B C6     1 
ATOM 373 H "H5'"  . DC B 2 1  ? -7.153  20.496  4.002   1.00 0.91 ? 12 DC B "H5'"  1 
ATOM 374 H "H5''" . DC B 2 1  ? -5.399  20.389  4.248   1.00 0.95 ? 12 DC B "H5''" 1 
ATOM 375 H "H4'"  . DC B 2 1  ? -6.853  18.957  5.797   1.00 0.90 ? 12 DC B "H4'"  1 
ATOM 376 H "H3'"  . DC B 2 1  ? -4.355  18.396  4.574   1.00 0.59 ? 12 DC B "H3'"  1 
ATOM 377 H "H2'"  . DC B 2 1  ? -4.811  16.571  3.342   1.00 0.56 ? 12 DC B "H2'"  1 
ATOM 378 H "H2''" . DC B 2 1  ? -5.050  15.713  4.892   1.00 0.61 ? 12 DC B "H2''" 1 
ATOM 379 H "H1'"  . DC B 2 1  ? -7.295  15.709  4.670   1.00 0.75 ? 12 DC B "H1'"  1 
ATOM 380 H H41    . DC B 2 1  ? -8.407  13.794  -1.242  1.00 0.73 ? 12 DC B H41    1 
ATOM 381 H H42    . DC B 2 1  ? -7.449  15.089  -1.925  1.00 0.76 ? 12 DC B H42    1 
ATOM 382 H H5     . DC B 2 1  ? -6.349  16.767  -0.575  1.00 0.72 ? 12 DC B H5     1 
ATOM 383 H H6     . DC B 2 1  ? -5.943  17.552  1.712   1.00 0.70 ? 12 DC B H6     1 
ATOM 384 H "HO5'" . DC B 2 1  ? -5.178  19.414  2.375   1.00 0.47 ? 12 DC B "HO5'" 1 
ATOM 385 P P      . DA B 2 2  ? -3.397  17.257  6.950   1.00 0.59 ? 13 DA B P      1 
ATOM 386 O OP1    . DA B 2 2  ? -2.415  16.174  6.736   1.00 1.57 ? 13 DA B OP1    1 
ATOM 387 O OP2    . DA B 2 2  ? -2.963  18.182  5.881   1.00 1.15 ? 13 DA B OP2    1 
ATOM 388 O "O5'"  . DA B 2 2  ? -4.281  15.891  6.788   1.00 0.65 ? 13 DA B "O5'"  1 
ATOM 389 C "C5'"  . DA B 2 2  ? -4.876  15.261  7.958   1.00 0.90 ? 13 DA B "C5'"  1 
ATOM 390 C "C4'"  . DA B 2 2  ? -5.328  13.796  7.737   1.00 0.84 ? 13 DA B "C4'"  1 
ATOM 391 O "O4'"  . DA B 2 2  ? -5.992  13.659  6.461   1.00 0.74 ? 13 DA B "O4'"  1 
ATOM 392 C "C3'"  . DA B 2 2  ? -4.166  12.778  7.769   1.00 0.77 ? 13 DA B "C3'"  1 
ATOM 393 O "O3'"  . DA B 2 2  ? -4.337  11.785  8.817   1.00 0.84 ? 13 DA B "O3'"  1 
ATOM 394 C "C2'"  . DA B 2 2  ? -4.209  12.091  6.434   1.00 0.60 ? 13 DA B "C2'"  1 
ATOM 395 C "C1'"  . DA B 2 2  ? -5.536  12.460  5.812   1.00 0.60 ? 13 DA B "C1'"  1 
ATOM 396 N N9     . DA B 2 2  ? -5.380  12.652  4.368   1.00 0.48 ? 13 DA B N9     1 
ATOM 397 C C8     . DA B 2 2  ? -4.446  13.359  3.691   1.00 0.43 ? 13 DA B C8     1 
ATOM 398 N N7     . DA B 2 2  ? -4.489  13.320  2.406   1.00 0.36 ? 13 DA B N7     1 
ATOM 399 C C5     . DA B 2 2  ? -5.587  12.483  2.190   1.00 0.38 ? 13 DA B C5     1 
ATOM 400 C C6     . DA B 2 2  ? -6.196  12.015  1.031   1.00 0.39 ? 13 DA B C6     1 
ATOM 401 N N6     . DA B 2 2  ? -5.771  12.343  -0.186  1.00 0.41 ? 13 DA B N6     1 
ATOM 402 N N1     . DA B 2 2  ? -7.260  11.205  1.173   1.00 0.42 ? 13 DA B N1     1 
ATOM 403 C C2     . DA B 2 2  ? -7.703  10.879  2.388   1.00 0.43 ? 13 DA B C2     1 
ATOM 404 N N3     . DA B 2 2  ? -7.201  11.270  3.555   1.00 0.45 ? 13 DA B N3     1 
ATOM 405 C C4     . DA B 2 2  ? -6.137  12.076  3.380   1.00 0.43 ? 13 DA B C4     1 
ATOM 406 H "H5'"  . DA B 2 2  ? -5.752  15.844  8.241   1.00 1.15 ? 13 DA B "H5'"  1 
ATOM 407 H "H5''" . DA B 2 2  ? -4.159  15.286  8.779   1.00 0.95 ? 13 DA B "H5''" 1 
ATOM 408 H "H4'"  . DA B 2 2  ? -6.036  13.526  8.520   1.00 0.94 ? 13 DA B "H4'"  1 
ATOM 409 H "H3'"  . DA B 2 2  ? -3.212  13.294  7.882   1.00 0.79 ? 13 DA B "H3'"  1 
ATOM 410 H "H2'"  . DA B 2 2  ? -3.389  12.442  5.808   1.00 0.53 ? 13 DA B "H2'"  1 
ATOM 411 H "H2''" . DA B 2 2  ? -4.147  11.008  6.558   1.00 0.60 ? 13 DA B "H2''" 1 
ATOM 412 H "H1'"  . DA B 2 2  ? -6.255  11.662  5.993   1.00 0.60 ? 13 DA B "H1'"  1 
ATOM 413 H H8     . DA B 2 2  ? -3.679  13.931  4.215   1.00 0.46 ? 13 DA B H8     1 
ATOM 414 H H61    . DA B 2 2  ? -6.244  11.980  -1.000  1.00 0.47 ? 13 DA B H61    1 
ATOM 415 H H62    . DA B 2 2  ? -4.978  12.959  -0.292  1.00 0.39 ? 13 DA B H62    1 
ATOM 416 H H2     . DA B 2 2  ? -8.570  10.219  2.430   1.00 0.45 ? 13 DA B H2     1 
ATOM 417 P P      . DC B 2 3  ? -3.193  10.661  9.107   1.00 0.81 ? 14 DC B P      1 
ATOM 418 O OP1    . DC B 2 3  ? -3.344  9.430   9.924   1.00 1.29 ? 14 DC B OP1    1 
ATOM 419 O OP2    . DC B 2 3  ? -3.068  11.662  10.197  1.00 1.74 ? 14 DC B OP2    1 
ATOM 420 O "O5'"  . DC B 2 3  ? -4.428  10.055  8.231   1.00 0.68 ? 14 DC B "O5'"  1 
ATOM 421 C "C5'"  . DC B 2 3  ? -5.603  9.553   8.910   1.00 0.68 ? 14 DC B "C5'"  1 
ATOM 422 C "C4'"  . DC B 2 3  ? -6.377  8.458   8.143   1.00 0.53 ? 14 DC B "C4'"  1 
ATOM 423 O "O4'"  . DC B 2 3  ? -6.605  8.867   6.778   1.00 0.44 ? 14 DC B "O4'"  1 
ATOM 424 C "C3'"  . DC B 2 3  ? -5.661  7.096   8.121   1.00 0.49 ? 14 DC B "C3'"  1 
ATOM 425 O "O3'"  . DC B 2 3  ? -6.463  6.069   8.743   1.00 0.49 ? 14 DC B "O3'"  1 
ATOM 426 C "C2'"  . DC B 2 3  ? -5.462  6.766   6.666   1.00 0.39 ? 14 DC B "C2'"  1 
ATOM 427 C "C1'"  . DC B 2 3  ? -6.173  7.840   5.865   1.00 0.33 ? 14 DC B "C1'"  1 
ATOM 428 N N1     . DC B 2 3  ? -5.280  8.404   4.835   1.00 0.29 ? 14 DC B N1     1 
ATOM 429 C C2     . DC B 2 3  ? -5.746  8.436   3.529   1.00 0.24 ? 14 DC B C2     1 
ATOM 430 O O2     . DC B 2 3  ? -6.848  7.966   3.251   1.00 0.25 ? 14 DC B O2     1 
ATOM 431 N N3     . DC B 2 3  ? -4.948  8.984   2.576   1.00 0.23 ? 14 DC B N3     1 
ATOM 432 C C4     . DC B 2 3  ? -3.741  9.475   2.886   1.00 0.23 ? 14 DC B C4     1 
ATOM 433 N N4     . DC B 2 3  ? -2.992  10.018  1.928   1.00 0.22 ? 14 DC B N4     1 
ATOM 434 C C5     . DC B 2 3  ? -3.255  9.439   4.230   1.00 0.32 ? 14 DC B C5     1 
ATOM 435 C C6     . DC B 2 3  ? -4.052  8.898   5.168   1.00 0.36 ? 14 DC B C6     1 
ATOM 436 H "H5'"  . DC B 2 3  ? -6.275  10.395  9.078   1.00 0.73 ? 14 DC B "H5'"  1 
ATOM 437 H "H5''" . DC B 2 3  ? -5.294  9.157   9.876   1.00 0.77 ? 14 DC B "H5''" 1 
ATOM 438 H "H4'"  . DC B 2 3  ? -7.340  8.328   8.627   1.00 0.53 ? 14 DC B "H4'"  1 
ATOM 439 H "H3'"  . DC B 2 3  ? -4.692  7.171   8.620   1.00 0.58 ? 14 DC B "H3'"  1 
ATOM 440 H "H2'"  . DC B 2 3  ? -4.399  6.761   6.429   1.00 0.41 ? 14 DC B "H2'"  1 
ATOM 441 H "H2''" . DC B 2 3  ? -5.897  5.793   6.442   1.00 0.38 ? 14 DC B "H2''" 1 
ATOM 442 H "H1'"  . DC B 2 3  ? -7.045  7.403   5.379   1.00 0.27 ? 14 DC B "H1'"  1 
ATOM 443 H H41    . DC B 2 3  ? -3.330  10.046  0.977   1.00 0.24 ? 14 DC B H41    1 
ATOM 444 H H42    . DC B 2 3  ? -2.084  10.400  2.153   1.00 0.23 ? 14 DC B H42    1 
ATOM 445 H H5     . DC B 2 3  ? -2.269  9.829   4.485   1.00 0.37 ? 14 DC B H5     1 
ATOM 446 H H6     . DC B 2 3  ? -3.712  8.851   6.203   1.00 0.45 ? 14 DC B H6     1 
ATOM 447 P P      . DC B 2 4  ? -6.041  4.501   8.673   1.00 0.53 ? 15 DC B P      1 
ATOM 448 O OP1    . DC B 2 4  ? -6.662  3.800   9.820   1.00 1.65 ? 15 DC B OP1    1 
ATOM 449 O OP2    . DC B 2 4  ? -4.575  4.432   8.483   1.00 1.11 ? 15 DC B OP2    1 
ATOM 450 O "O5'"  . DC B 2 4  ? -6.737  3.961   7.304   1.00 0.45 ? 15 DC B "O5'"  1 
ATOM 451 C "C5'"  . DC B 2 4  ? -8.163  3.782   7.181   1.00 0.40 ? 15 DC B "C5'"  1 
ATOM 452 C "C4'"  . DC B 2 4  ? -8.552  3.122   5.842   1.00 0.37 ? 15 DC B "C4'"  1 
ATOM 453 O "O4'"  . DC B 2 4  ? -8.129  3.959   4.743   1.00 0.37 ? 15 DC B "O4'"  1 
ATOM 454 C "C3'"  . DC B 2 4  ? -7.900  1.743   5.664   1.00 0.41 ? 15 DC B "C3'"  1 
ATOM 455 O "O3'"  . DC B 2 4  ? -8.867  0.721   5.310   1.00 0.47 ? 15 DC B "O3'"  1 
ATOM 456 C "C2'"  . DC B 2 4  ? -6.910  1.912   4.547   1.00 0.39 ? 15 DC B "C2'"  1 
ATOM 457 C "C1'"  . DC B 2 4  ? -7.181  3.259   3.912   1.00 0.38 ? 15 DC B "C1'"  1 
ATOM 458 N N1     . DC B 2 4  ? -5.922  4.012   3.770   1.00 0.39 ? 15 DC B N1     1 
ATOM 459 C C2     . DC B 2 4  ? -5.632  4.545   2.526   1.00 0.40 ? 15 DC B C2     1 
ATOM 460 O O2     . DC B 2 4  ? -6.423  4.411   1.595   1.00 0.39 ? 15 DC B O2     1 
ATOM 461 N N3     . DC B 2 4  ? -4.448  5.190   2.363   1.00 0.41 ? 15 DC B N3     1 
ATOM 462 C C4     . DC B 2 4  ? -3.586  5.314   3.378   1.00 0.42 ? 15 DC B C4     1 
ATOM 463 N N4     . DC B 2 4  ? -2.428  5.941   3.175   1.00 0.44 ? 15 DC B N4     1 
ATOM 464 C C5     . DC B 2 4  ? -3.880  4.767   4.664   1.00 0.41 ? 15 DC B C5     1 
ATOM 465 C C6     . DC B 2 4  ? -5.054  4.134   4.818   1.00 0.40 ? 15 DC B C6     1 
ATOM 466 H "H5'"  . DC B 2 4  ? -8.643  4.761   7.234   1.00 0.39 ? 15 DC B "H5'"  1 
ATOM 467 H "H5''" . DC B 2 4  ? -8.526  3.165   8.002   1.00 0.40 ? 15 DC B "H5''" 1 
ATOM 468 H "H4'"  . DC B 2 4  ? -9.635  3.008   5.801   1.00 0.35 ? 15 DC B "H4'"  1 
ATOM 469 H "H3'"  . DC B 2 4  ? -7.374  1.461   6.579   1.00 0.42 ? 15 DC B "H3'"  1 
ATOM 470 H "H2'"  . DC B 2 4  ? -5.897  1.883   4.946   1.00 0.38 ? 15 DC B "H2'"  1 
ATOM 471 H "H2''" . DC B 2 4  ? -7.041  1.124   3.807   1.00 0.41 ? 15 DC B "H2''" 1 
ATOM 472 H "H1'"  . DC B 2 4  ? -7.619  3.108   2.925   1.00 0.37 ? 15 DC B "H1'"  1 
ATOM 473 H H41    . DC B 2 4  ? -2.218  6.326   2.266   1.00 0.44 ? 15 DC B H41    1 
ATOM 474 H H42    . DC B 2 4  ? -1.766  6.034   3.931   1.00 0.45 ? 15 DC B H42    1 
ATOM 475 H H5     . DC B 2 4  ? -3.173  4.851   5.490   1.00 0.42 ? 15 DC B H5     1 
ATOM 476 H H6     . DC B 2 4  ? -5.318  3.715   5.790   1.00 0.39 ? 15 DC B H6     1 
ATOM 477 P P      . DA B 2 5  ? -8.494  -0.855  5.466   1.00 0.53 ? 16 DA B P      1 
ATOM 478 O OP1    . DA B 2 5  ? -9.407  -0.553  6.600   1.00 1.59 ? 16 DA B OP1    1 
ATOM 479 O OP2    . DA B 2 5  ? -9.207  -2.008  4.865   1.00 1.17 ? 16 DA B OP2    1 
ATOM 480 O "O5'"  . DA B 2 5  ? -8.358  -0.333  3.934   1.00 0.53 ? 16 DA B "O5'"  1 
ATOM 481 C "C5'"  . DA B 2 5  ? -9.493  -0.420  3.045   1.00 0.55 ? 16 DA B "C5'"  1 
ATOM 482 C "C4'"  . DA B 2 5  ? -9.122  -0.635  1.563   1.00 0.54 ? 16 DA B "C4'"  1 
ATOM 483 O "O4'"  . DA B 2 5  ? -8.101  0.300   1.162   1.00 0.51 ? 16 DA B "O4'"  1 
ATOM 484 C "C3'"  . DA B 2 5  ? -8.602  -2.050  1.269   1.00 0.56 ? 16 DA B "C3'"  1 
ATOM 485 O "O3'"  . DA B 2 5  ? -9.287  -2.630  0.145   1.00 0.58 ? 16 DA B "O3'"  1 
ATOM 486 C "C2'"  . DA B 2 5  ? -7.146  -1.889  0.945   1.00 0.53 ? 16 DA B "C2'"  1 
ATOM 487 C "C1'"  . DA B 2 5  ? -6.907  -0.404  0.759   1.00 0.52 ? 16 DA B "C1'"  1 
ATOM 488 N N9     . DA B 2 5  ? -5.757  0.022   1.565   1.00 0.52 ? 16 DA B N9     1 
ATOM 489 C C8     . DA B 2 5  ? -5.468  -0.244  2.861   1.00 0.52 ? 16 DA B C8     1 
ATOM 490 N N7     . DA B 2 5  ? -4.395  0.271   3.349   1.00 0.52 ? 16 DA B N7     1 
ATOM 491 C C5     . DA B 2 5  ? -3.896  0.970   2.246   1.00 0.51 ? 16 DA B C5     1 
ATOM 492 C C6     . DA B 2 5  ? -2.761  1.760   2.065   1.00 0.51 ? 16 DA B C6     1 
ATOM 493 N N6     . DA B 2 5  ? -1.887  2.005   3.038   1.00 0.51 ? 16 DA B N6     1 
ATOM 494 N N1     . DA B 2 5  ? -2.567  2.296   0.848   1.00 0.50 ? 16 DA B N1     1 
ATOM 495 C C2     . DA B 2 5  ? -3.442  2.075   -0.135  1.00 0.50 ? 16 DA B C2     1 
ATOM 496 N N3     . DA B 2 5  ? -4.551  1.349   -0.072  1.00 0.51 ? 16 DA B N3     1 
ATOM 497 C C4     . DA B 2 5  ? -4.720  0.823   1.157   1.00 0.51 ? 16 DA B C4     1 
ATOM 498 H "H5'"  . DA B 2 5  ? -10.066 0.505   3.131   1.00 0.54 ? 16 DA B "H5'"  1 
ATOM 499 H "H5''" . DA B 2 5  ? -10.121 -1.248  3.374   1.00 0.58 ? 16 DA B "H5''" 1 
ATOM 500 H "H4'"  . DA B 2 5  ? -10.008 -0.459  0.960   1.00 0.56 ? 16 DA B "H4'"  1 
ATOM 501 H "H3'"  . DA B 2 5  ? -8.723  -2.683  2.147   1.00 0.57 ? 16 DA B "H3'"  1 
ATOM 502 H "H2'"  . DA B 2 5  ? -6.542  -2.267  1.770   1.00 0.53 ? 16 DA B "H2'"  1 
ATOM 503 H "H2''" . DA B 2 5  ? -6.897  -2.425  0.029   1.00 0.53 ? 16 DA B "H2''" 1 
ATOM 504 H "H1'"  . DA B 2 5  ? -6.706  -0.196  -0.293  1.00 0.52 ? 16 DA B "H1'"  1 
ATOM 505 H H8     . DA B 2 5  ? -6.122  -0.874  3.467   1.00 0.53 ? 16 DA B H8     1 
ATOM 506 H H61    . DA B 2 5  ? -1.080  2.583   2.857   1.00 0.51 ? 16 DA B H61    1 
ATOM 507 H H62    . DA B 2 5  ? -2.034  1.615   3.958   1.00 0.52 ? 16 DA B H62    1 
ATOM 508 H H2     . DA B 2 5  ? -3.219  2.538   -1.095  1.00 0.50 ? 16 DA B H2     1 
ATOM 509 P P      . DC B 2 6  ? -8.771  -4.007  -0.550  1.00 0.60 ? 17 DC B P      1 
ATOM 510 O OP1    . DC B 2 6  ? -9.879  -4.524  -1.392  1.00 1.83 ? 17 DC B OP1    1 
ATOM 511 O OP2    . DC B 2 6  ? -8.194  -4.873  0.508   1.00 0.82 ? 17 DC B OP2    1 
ATOM 512 O "O5'"  . DC B 2 6  ? -7.540  -3.532  -1.512  1.00 0.57 ? 17 DC B "O5'"  1 
ATOM 513 C "C5'"  . DC B 2 6  ? -7.739  -2.755  -2.707  1.00 0.57 ? 17 DC B "C5'"  1 
ATOM 514 C "C4'"  . DC B 2 6  ? -6.416  -2.343  -3.391  1.00 0.57 ? 17 DC B "C4'"  1 
ATOM 515 O "O4'"  . DC B 2 6  ? -5.621  -1.540  -2.486  1.00 0.58 ? 17 DC B "O4'"  1 
ATOM 516 C "C3'"  . DC B 2 6  ? -5.553  -3.544  -3.837  1.00 0.56 ? 17 DC B "C3'"  1 
ATOM 517 O "O3'"  . DC B 2 6  ? -5.234  -3.522  -5.272  1.00 0.55 ? 17 DC B "O3'"  1 
ATOM 518 C "C2'"  . DC B 2 6  ? -4.278  -3.413  -3.055  1.00 0.55 ? 17 DC B "C2'"  1 
ATOM 519 C "C1'"  . DC B 2 6  ? -4.267  -2.017  -2.470  1.00 0.57 ? 17 DC B "C1'"  1 
ATOM 520 N N1     . DC B 2 6  ? -3.702  -2.036  -1.109  1.00 0.57 ? 17 DC B N1     1 
ATOM 521 C C2     . DC B 2 6  ? -2.642  -1.183  -0.847  1.00 0.59 ? 17 DC B C2     1 
ATOM 522 O O2     . DC B 2 6  ? -2.246  -0.402  -1.710  1.00 0.61 ? 17 DC B O2     1 
ATOM 523 N N3     . DC B 2 6  ? -2.059  -1.242  0.378   1.00 0.59 ? 17 DC B N3     1 
ATOM 524 C C4     . DC B 2 6  ? -2.491  -2.104  1.307   1.00 0.57 ? 17 DC B C4     1 
ATOM 525 N N4     . DC B 2 6  ? -1.884  -2.144  2.491   1.00 0.58 ? 17 DC B N4     1 
ATOM 526 C C5     . DC B 2 6  ? -3.589  -2.981  1.043   1.00 0.56 ? 17 DC B C5     1 
ATOM 527 C C6     . DC B 2 6  ? -4.161  -2.915  -0.171  1.00 0.56 ? 17 DC B C6     1 
ATOM 528 H "H5'"  . DC B 2 6  ? -8.278  -1.847  -2.442  1.00 0.57 ? 17 DC B "H5'"  1 
ATOM 529 H "H5''" . DC B 2 6  ? -8.333  -3.331  -3.409  1.00 0.58 ? 17 DC B "H5''" 1 
ATOM 530 H "H4'"  . DC B 2 6  ? -6.643  -1.746  -4.267  1.00 0.57 ? 17 DC B "H4'"  1 
ATOM 531 H "H3'"  . DC B 2 6  ? -6.045  -4.478  -3.569  1.00 0.56 ? 17 DC B "H3'"  1 
ATOM 532 H "H2'"  . DC B 2 6  ? -4.252  -4.155  -2.256  1.00 0.54 ? 17 DC B "H2'"  1 
ATOM 533 H "H2''" . DC B 2 6  ? -3.423  -3.542  -3.711  1.00 0.55 ? 17 DC B "H2''" 1 
ATOM 534 H "H1'"  . DC B 2 6  ? -3.656  -1.372  -3.101  1.00 0.58 ? 17 DC B "H1'"  1 
ATOM 535 H H41    . DC B 2 6  ? -1.108  -1.526  2.681   1.00 0.59 ? 17 DC B H41    1 
ATOM 536 H H42    . DC B 2 6  ? -2.195  -2.797  3.197   1.00 0.56 ? 17 DC B H42    1 
ATOM 537 H H5     . DC B 2 6  ? -3.935  -3.694  1.792   1.00 0.55 ? 17 DC B H5     1 
ATOM 538 H H6     . DC B 2 6  ? -5.005  -3.567  -0.405  1.00 0.55 ? 17 DC B H6     1 
ATOM 539 P P      . DC B 2 7  ? -4.586  -4.840  -5.978  1.00 0.55 ? 18 DC B P      1 
ATOM 540 O OP1    . DC B 2 7  ? -4.108  -4.899  -7.385  1.00 1.79 ? 18 DC B OP1    1 
ATOM 541 O OP2    . DC B 2 7  ? -6.059  -4.923  -6.147  1.00 0.82 ? 18 DC B OP2    1 
ATOM 542 O "O5'"  . DC B 2 7  ? -3.482  -3.674  -5.688  1.00 0.56 ? 18 DC B "O5'"  1 
ATOM 543 C "C5'"  . DC B 2 7  ? -3.142  -2.738  -6.751  1.00 0.60 ? 18 DC B "C5'"  1 
ATOM 544 C "C4'"  . DC B 2 7  ? -1.628  -2.451  -6.904  1.00 0.59 ? 18 DC B "C4'"  1 
ATOM 545 O "O4'"  . DC B 2 7  ? -1.050  -2.104  -5.627  1.00 0.58 ? 18 DC B "O4'"  1 
ATOM 546 C "C3'"  . DC B 2 7  ? -0.833  -3.647  -7.458  1.00 0.54 ? 18 DC B "C3'"  1 
ATOM 547 O "O3'"  . DC B 2 7  ? 0.135   -3.248  -8.461  1.00 0.57 ? 18 DC B "O3'"  1 
ATOM 548 C "C2'"  . DC B 2 7  ? -0.095  -4.193  -6.279  1.00 0.50 ? 18 DC B "C2'"  1 
ATOM 549 C "C1'"  . DC B 2 7  ? -0.042  -3.070  -5.264  1.00 0.52 ? 18 DC B "C1'"  1 
ATOM 550 N N1     . DC B 2 7  ? -0.278  -3.598  -3.916  1.00 0.51 ? 18 DC B N1     1 
ATOM 551 C C2     . DC B 2 7  ? 0.607   -3.239  -2.918  1.00 0.49 ? 18 DC B C2     1 
ATOM 552 O O2     . DC B 2 7  ? 1.564   -2.497  -3.160  1.00 0.49 ? 18 DC B O2     1 
ATOM 553 N N3     . DC B 2 7  ? 0.400   -3.737  -1.672  1.00 0.50 ? 18 DC B N3     1 
ATOM 554 C C4     . DC B 2 7  ? -0.626  -4.557  -1.422  1.00 0.50 ? 18 DC B C4     1 
ATOM 555 N N4     . DC B 2 7  ? -0.784  -5.053  -0.198  1.00 0.52 ? 18 DC B N4     1 
ATOM 556 C C5     . DC B 2 7  ? -1.544  -4.918  -2.452  1.00 0.50 ? 18 DC B C5     1 
ATOM 557 C C6     . DC B 2 7  ? -1.333  -4.415  -3.673  1.00 0.51 ? 18 DC B C6     1 
ATOM 558 H "H5'"  . DC B 2 7  ? -3.660  -1.797  -6.557  1.00 0.64 ? 18 DC B "H5'"  1 
ATOM 559 H "H5''" . DC B 2 7  ? -3.511  -3.148  -7.693  1.00 0.61 ? 18 DC B "H5''" 1 
ATOM 560 H "H4'"  . DC B 2 7  ? -1.502  -1.613  -7.581  1.00 0.62 ? 18 DC B "H4'"  1 
ATOM 561 H "H3'"  . DC B 2 7  ? -1.508  -4.405  -7.857  1.00 0.52 ? 18 DC B "H3'"  1 
ATOM 562 H "H2'"  . DC B 2 7  ? -0.630  -5.047  -5.872  1.00 0.47 ? 18 DC B "H2'"  1 
ATOM 563 H "H2''" . DC B 2 7  ? 0.917   -4.487  -6.566  1.00 0.48 ? 18 DC B "H2''" 1 
ATOM 564 H "H1'"  . DC B 2 7  ? 0.941   -2.593  -5.304  1.00 0.52 ? 18 DC B "H1'"  1 
ATOM 565 H H41    . DC B 2 7  ? -0.145  -4.802  0.533   1.00 1.25 ? 18 DC B H41    1 
ATOM 566 H H42    . DC B 2 7  ? -1.549  -5.689  -0.010  1.00 0.72 ? 18 DC B H42    1 
ATOM 567 H H5     . DC B 2 7  ? -2.393  -5.584  -2.261  1.00 0.51 ? 18 DC B H5     1 
ATOM 568 H H6     . DC B 2 7  ? -2.015  -4.670  -4.494  1.00 0.52 ? 18 DC B H6     1 
ATOM 569 P P      . DT B 2 8  ? 0.976   -4.369  -9.287  1.00 0.54 ? 19 DT B P      1 
ATOM 570 O OP1    . DT B 2 8  ? 2.176   -4.193  -10.144 1.00 1.41 ? 19 DT B OP1    1 
ATOM 571 O OP2    . DT B 2 8  ? -0.033  -3.864  -10.254 1.00 1.35 ? 19 DT B OP2    1 
ATOM 572 O "O5'"  . DT B 2 8  ? 1.913   -3.646  -8.157  1.00 0.53 ? 19 DT B "O5'"  1 
ATOM 573 C "C5'"  . DT B 2 8  ? 2.710   -2.489  -8.505  1.00 0.57 ? 19 DT B "C5'"  1 
ATOM 574 C "C4'"  . DT B 2 8  ? 4.006   -2.319  -7.679  1.00 0.53 ? 19 DT B "C4'"  1 
ATOM 575 O "O4'"  . DT B 2 8  ? 3.730   -2.419  -6.267  1.00 0.51 ? 19 DT B "O4'"  1 
ATOM 576 C "C3'"  . DT B 2 8  ? 5.094   -3.351  -8.025  1.00 0.49 ? 19 DT B "C3'"  1 
ATOM 577 O "O3'"  . DT B 2 8  ? 6.273   -2.713  -8.555  1.00 0.50 ? 19 DT B "O3'"  1 
ATOM 578 C "C2'"  . DT B 2 8  ? 5.436   -4.030  -6.725  1.00 0.44 ? 19 DT B "C2'"  1 
ATOM 579 C "C1'"  . DT B 2 8  ? 4.692   -3.286  -5.633  1.00 0.46 ? 19 DT B "C1'"  1 
ATOM 580 N N1     . DT B 2 8  ? 4.021   -4.228  -4.723  1.00 0.43 ? 19 DT B N1     1 
ATOM 581 C C2     . DT B 2 8  ? 4.331   -4.149  -3.377  1.00 0.42 ? 19 DT B C2     1 
ATOM 582 O O2     . DT B 2 8  ? 5.161   -3.350  -2.939  1.00 0.42 ? 19 DT B O2     1 
ATOM 583 N N3     . DT B 2 8  ? 3.666   -5.030  -2.553  1.00 0.40 ? 19 DT B N3     1 
ATOM 584 C C4     . DT B 2 8  ? 2.736   -5.972  -2.947  1.00 0.40 ? 19 DT B C4     1 
ATOM 585 O O4     . DT B 2 8  ? 2.194   -6.698  -2.119  1.00 0.39 ? 19 DT B O4     1 
ATOM 586 C C5     . DT B 2 8  ? 2.480   -5.986  -4.367  1.00 0.41 ? 19 DT B C5     1 
ATOM 587 C C7     . DT B 2 8  ? 1.493   -6.996  -4.945  1.00 0.40 ? 19 DT B C7     1 
ATOM 588 C C6     . DT B 2 8  ? 3.113   -5.134  -5.194  1.00 0.42 ? 19 DT B C6     1 
ATOM 589 H "H5'"  . DT B 2 8  ? 2.093   -1.603  -8.367  1.00 0.60 ? 19 DT B "H5'"  1 
ATOM 590 H "H5''" . DT B 2 8  ? 2.977   -2.567  -9.558  1.00 0.59 ? 19 DT B "H5''" 1 
ATOM 591 H "H4'"  . DT B 2 8  ? 4.403   -1.328  -7.881  1.00 0.55 ? 19 DT B "H4'"  1 
ATOM 592 H "H3'"  . DT B 2 8  ? 4.706   -4.084  -8.738  1.00 0.49 ? 19 DT B "H3'"  1 
ATOM 593 H "H2'"  . DT B 2 8  ? 5.117   -5.072  -6.757  1.00 0.42 ? 19 DT B "H2'"  1 
ATOM 594 H "H2''" . DT B 2 8  ? 6.509   -3.974  -6.546  1.00 0.42 ? 19 DT B "H2''" 1 
ATOM 595 H "H1'"  . DT B 2 8  ? 5.402   -2.683  -5.067  1.00 0.45 ? 19 DT B "H1'"  1 
ATOM 596 H H3     . DT B 2 8  ? 3.883   -4.988  -1.567  1.00 0.40 ? 19 DT B H3     1 
ATOM 597 H H71    . DT B 2 8  ? 2.012   -7.656  -5.638  1.00 0.50 ? 19 DT B H71    1 
ATOM 598 H H72    . DT B 2 8  ? 0.700   -6.471  -5.472  1.00 0.36 ? 19 DT B H72    1 
ATOM 599 H H73    . DT B 2 8  ? 1.062   -7.585  -4.137  1.00 0.42 ? 19 DT B H73    1 
ATOM 600 H H6     . DT B 2 8  ? 2.900   -5.168  -6.264  1.00 0.43 ? 19 DT B H6     1 
ATOM 601 P P      . DG B 2 9  ? 7.610   -3.566  -8.910  1.00 0.43 ? 20 DG B P      1 
ATOM 602 O OP1    . DG B 2 9  ? 8.462   -2.739  -9.794  1.00 1.59 ? 20 DG B OP1    1 
ATOM 603 O OP2    . DG B 2 9  ? 7.186   -4.910  -9.359  1.00 1.07 ? 20 DG B OP2    1 
ATOM 604 O "O5'"  . DG B 2 9  ? 8.370   -3.736  -7.481  1.00 0.35 ? 20 DG B "O5'"  1 
ATOM 605 C "C5'"  . DG B 2 9  ? 9.122   -2.657  -6.885  1.00 0.34 ? 20 DG B "C5'"  1 
ATOM 606 C "C4'"  . DG B 2 9  ? 9.892   -3.100  -5.623  1.00 0.32 ? 20 DG B "C4'"  1 
ATOM 607 O "O4'"  . DG B 2 9  ? 8.952   -3.527  -4.608  1.00 0.40 ? 20 DG B "O4'"  1 
ATOM 608 C "C3'"  . DG B 2 9  ? 10.847  -4.277  -5.904  1.00 0.21 ? 20 DG B "C3'"  1 
ATOM 609 O "O3'"  . DG B 2 9  ? 12.196  -4.043  -5.433  1.00 0.27 ? 20 DG B "O3'"  1 
ATOM 610 C "C2'"  . DG B 2 9  ? 10.259  -5.436  -5.157  1.00 0.21 ? 20 DG B "C2'"  1 
ATOM 611 C "C1'"  . DG B 2 9  ? 9.279   -4.855  -4.167  1.00 0.30 ? 20 DG B "C1'"  1 
ATOM 612 N N9     . DG B 2 9  ? 8.095   -5.714  -4.080  1.00 0.29 ? 20 DG B N9     1 
ATOM 613 C C8     . DG B 2 9  ? 7.311   -6.217  -5.065  1.00 0.30 ? 20 DG B C8     1 
ATOM 614 N N7     . DG B 2 9  ? 6.380   -7.039  -4.724  1.00 0.33 ? 20 DG B N7     1 
ATOM 615 C C5     . DG B 2 9  ? 6.554   -7.099  -3.338  1.00 0.30 ? 20 DG B C5     1 
ATOM 616 C C6     . DG B 2 9  ? 5.840   -7.838  -2.363  1.00 0.32 ? 20 DG B C6     1 
ATOM 617 O O6     . DG B 2 9  ? 4.897   -8.606  -2.529  1.00 0.35 ? 20 DG B O6     1 
ATOM 618 N N1     . DG B 2 9  ? 6.341   -7.615  -1.087  1.00 0.31 ? 20 DG B N1     1 
ATOM 619 C C2     . DG B 2 9  ? 7.397   -6.779  -0.780  1.00 0.33 ? 20 DG B C2     1 
ATOM 620 N N2     . DG B 2 9  ? 7.743   -6.702  0.503   1.00 0.38 ? 20 DG B N2     1 
ATOM 621 N N3     . DG B 2 9  ? 8.071   -6.080  -1.693  1.00 0.33 ? 20 DG B N3     1 
ATOM 622 C C4     . DG B 2 9  ? 7.600   -6.285  -2.941  1.00 0.29 ? 20 DG B C4     1 
ATOM 623 H "H5'"  . DG B 2 9  ? 8.426   -1.866  -6.602  1.00 0.45 ? 20 DG B "H5'"  1 
ATOM 624 H "H5''" . DG B 2 9  ? 9.829   -2.261  -7.615  1.00 0.29 ? 20 DG B "H5''" 1 
ATOM 625 H "H4'"  . DG B 2 9  ? 10.465  -2.259  -5.238  1.00 0.38 ? 20 DG B "H4'"  1 
ATOM 626 H "H3'"  . DG B 2 9  ? 10.853  -4.498  -6.971  1.00 0.17 ? 20 DG B "H3'"  1 
ATOM 627 H "H2'"  . DG B 2 9  ? 9.738   -6.094  -5.852  1.00 0.17 ? 20 DG B "H2'"  1 
ATOM 628 H "H2''" . DG B 2 9  ? 11.035  -5.989  -4.631  1.00 0.25 ? 20 DG B "H2''" 1 
ATOM 629 H "H1'"  . DG B 2 9  ? 9.749   -4.797  -3.185  1.00 0.36 ? 20 DG B "H1'"  1 
ATOM 630 H H8     . DG B 2 9  ? 7.473   -5.947  -6.110  1.00 0.31 ? 20 DG B H8     1 
ATOM 631 H H1     . DG B 2 9  ? 5.882   -8.114  -0.341  1.00 0.31 ? 20 DG B H1     1 
ATOM 632 H H21    . DG B 2 9  ? 7.236   -7.232  1.196   1.00 0.38 ? 20 DG B H21    1 
ATOM 633 H H22    . DG B 2 9  ? 8.516   -6.113  0.783   1.00 0.43 ? 20 DG B H22    1 
ATOM 634 P P      . DC B 2 10 ? 13.417  -4.992  -5.931  1.00 0.40 ? 21 DC B P      1 
ATOM 635 O OP1    . DC B 2 10 ? 13.692  -3.689  -6.574  1.00 1.45 ? 21 DC B OP1    1 
ATOM 636 O OP2    . DC B 2 10 ? 14.761  -5.206  -5.329  1.00 1.22 ? 21 DC B OP2    1 
ATOM 637 O "O5'"  . DC B 2 10 ? 12.914  -5.414  -4.438  1.00 0.54 ? 21 DC B "O5'"  1 
ATOM 638 C "C5'"  . DC B 2 10 ? 13.464  -4.762  -3.274  1.00 0.69 ? 21 DC B "C5'"  1 
ATOM 639 C "C4'"  . DC B 2 10 ? 13.405  -5.608  -1.980  1.00 0.78 ? 21 DC B "C4'"  1 
ATOM 640 O "O4'"  . DC B 2 10 ? 12.037  -5.988  -1.700  1.00 0.66 ? 21 DC B "O4'"  1 
ATOM 641 C "C3'"  . DC B 2 10 ? 14.251  -6.897  -2.036  1.00 0.87 ? 21 DC B "C3'"  1 
ATOM 642 O "O3'"  . DC B 2 10 ? 15.328  -6.898  -1.062  1.00 1.10 ? 21 DC B "O3'"  1 
ATOM 643 C "C2'"  . DC B 2 10 ? 13.303  -8.018  -1.706  1.00 0.78 ? 21 DC B "C2'"  1 
ATOM 644 C "C1'"  . DC B 2 10 ? 11.951  -7.401  -1.420  1.00 0.65 ? 21 DC B "C1'"  1 
ATOM 645 N N1     . DC B 2 10 ? 10.925  -8.058  -2.251  1.00 0.50 ? 21 DC B N1     1 
ATOM 646 C C2     . DC B 2 10 ? 9.868   -8.684  -1.608  1.00 0.43 ? 21 DC B C2     1 
ATOM 647 O O2     . DC B 2 10 ? 9.765   -8.632  -0.384  1.00 0.47 ? 21 DC B O2     1 
ATOM 648 N N3     . DC B 2 10 ? 8.963   -9.356  -2.367  1.00 0.38 ? 21 DC B N3     1 
ATOM 649 C C4     . DC B 2 10 ? 9.087   -9.415  -3.699  1.00 0.39 ? 21 DC B C4     1 
ATOM 650 N N4     . DC B 2 10 ? 8.189   -10.096 -4.409  1.00 0.45 ? 21 DC B N4     1 
ATOM 651 C C5     . DC B 2 10 ? 10.172  -8.766  -4.365  1.00 0.40 ? 21 DC B C5     1 
ATOM 652 C C6     . DC B 2 10 ? 11.060  -8.103  -3.607  1.00 0.47 ? 21 DC B C6     1 
ATOM 653 H "H5'"  . DC B 2 10 ? 12.905  -3.839  -3.108  1.00 0.67 ? 21 DC B "H5'"  1 
ATOM 654 H "H5''" . DC B 2 10 ? 14.500  -4.507  -3.488  1.00 0.80 ? 21 DC B "H5''" 1 
ATOM 655 H "H4'"  . DC B 2 10 ? 13.767  -4.998  -1.161  1.00 0.91 ? 21 DC B "H4'"  1 
ATOM 656 H "H3'"  . DC B 2 10 ? 14.652  -7.043  -3.043  1.00 0.86 ? 21 DC B "H3'"  1 
ATOM 657 H "H2'"  . DC B 2 10 ? 13.228  -8.703  -2.551  1.00 0.75 ? 21 DC B "H2'"  1 
ATOM 658 H "H2''" . DC B 2 10 ? 13.654  -8.555  -0.825  1.00 0.87 ? 21 DC B "H2''" 1 
ATOM 659 H "H1'"  . DC B 2 10 ? 11.705  -7.543  -0.369  1.00 0.70 ? 21 DC B "H1'"  1 
ATOM 660 H H41    . DC B 2 10 ? 7.420   -10.556 -3.941  1.00 0.49 ? 21 DC B H41    1 
ATOM 661 H H42    . DC B 2 10 ? 8.274   -10.150 -5.413  1.00 0.49 ? 21 DC B H42    1 
ATOM 662 H H5     . DC B 2 10 ? 10.283  -8.818  -5.447  1.00 0.41 ? 21 DC B H5     1 
ATOM 663 H H6     . DC B 2 10 ? 11.899  -7.591  -4.080  1.00 0.53 ? 21 DC B H6     1 
ATOM 664 P P      . DC B 2 11 ? 16.610  -7.884  -1.246  1.00 1.27 ? 22 DC B P      1 
ATOM 665 O OP1    . DC B 2 11 ? 17.114  -6.512  -1.500  1.00 2.44 ? 22 DC B OP1    1 
ATOM 666 O OP2    . DC B 2 11 ? 17.581  -8.305  -0.202  1.00 0.86 ? 22 DC B OP2    1 
ATOM 667 O "O5'"  . DC B 2 11 ? 15.480  -8.531  -0.263  1.00 1.29 ? 22 DC B "O5'"  1 
ATOM 668 C "C5'"  . DC B 2 11 ? 15.590  -8.352  1.167   1.00 1.36 ? 22 DC B "C5'"  1 
ATOM 669 C "C4'"  . DC B 2 11 ? 14.877  -9.428  1.998   1.00 1.31 ? 22 DC B "C4'"  1 
ATOM 670 O "O4'"  . DC B 2 11 ? 13.524  -9.623  1.538   1.00 1.12 ? 22 DC B "O4'"  1 
ATOM 671 C "C3'"  . DC B 2 11 ? 15.595  -10.776 1.957   1.00 1.41 ? 22 DC B "C3'"  1 
ATOM 672 O "O3'"  . DC B 2 11 ? 16.168  -11.089 3.231   1.00 1.56 ? 22 DC B "O3'"  1 
ATOM 673 C "C2'"  . DC B 2 11 ? 14.543  -11.793 1.595   1.00 1.27 ? 22 DC B "C2'"  1 
ATOM 674 C "C1'"  . DC B 2 11 ? 13.273  -11.018 1.281   1.00 1.09 ? 22 DC B "C1'"  1 
ATOM 675 N N1     . DC B 2 11 ? 12.867  -11.214 -0.125  1.00 1.01 ? 22 DC B N1     1 
ATOM 676 C C2     . DC B 2 11 ? 11.564  -11.619 -0.363  1.00 0.89 ? 22 DC B C2     1 
ATOM 677 O O2     . DC B 2 11 ? 10.796  -11.819 0.574   1.00 0.84 ? 22 DC B O2     1 
ATOM 678 N N3     . DC B 2 11 ? 11.170  -11.793 -1.651  1.00 0.86 ? 22 DC B N3     1 
ATOM 679 C C4     . DC B 2 11 ? 12.016  -11.579 -2.665  1.00 0.91 ? 22 DC B C4     1 
ATOM 680 N N4     . DC B 2 11 ? 11.593  -11.759 -3.916  1.00 0.90 ? 22 DC B N4     1 
ATOM 681 C C5     . DC B 2 11 ? 13.362  -11.162 -2.426  1.00 1.01 ? 22 DC B C5     1 
ATOM 682 C C6     . DC B 2 11 ? 13.743  -10.992 -1.147  1.00 1.07 ? 22 DC B C6     1 
ATOM 683 H "H5'"  . DC B 2 11 ? 15.173  -7.381  1.424   1.00 1.31 ? 22 DC B "H5'"  1 
ATOM 684 H "H5''" . DC B 2 11 ? 16.649  -8.357  1.430   1.00 1.52 ? 22 DC B "H5''" 1 
ATOM 685 H "H4'"  . DC B 2 11 ? 14.843  -9.093  3.031   1.00 1.36 ? 22 DC B "H4'"  1 
ATOM 686 H "H3'"  . DC B 2 11 ? 16.372  -10.765 1.193   1.00 1.50 ? 22 DC B "H3'"  1 
ATOM 687 H "HO3'" . DC B 2 11 ? 15.528  -11.641 3.706   1.00 1.59 ? 22 DC B "HO3'" 1 
ATOM 688 H "H2'"  . DC B 2 11 ? 14.860  -12.367 0.723   1.00 1.31 ? 22 DC B "H2'"  1 
ATOM 689 H "H2''" . DC B 2 11 ? 14.367  -12.464 2.437   1.00 1.27 ? 22 DC B "H2''" 1 
ATOM 690 H "H1'"  . DC B 2 11 ? 12.473  -11.363 1.933   1.00 1.03 ? 22 DC B "H1'"  1 
ATOM 691 H H41    . DC B 2 11 ? 10.642  -12.056 -4.088  1.00 0.88 ? 22 DC B H41    1 
ATOM 692 H H42    . DC B 2 11 ? 12.220  -11.598 -4.690  1.00 0.93 ? 22 DC B H42    1 
ATOM 693 H H5     . DC B 2 11 ? 14.053  -10.984 -3.249  1.00 1.07 ? 22 DC B H5     1 
ATOM 694 H H6     . DC B 2 11 ? 14.762  -10.667 -0.925  1.00 1.19 ? 22 DC B H6     1 
# 
